data_5U6N
#
_entry.id   5U6N
#
_cell.length_a   65.180
_cell.length_b   87.562
_cell.length_c   163.018
_cell.angle_alpha   90.00
_cell.angle_beta   90.00
_cell.angle_gamma   90.00
#
_symmetry.space_group_name_H-M   'P 21 21 21'
#
loop_
_entity.id
_entity.type
_entity.pdbx_description
1 polymer 'UDP-glycosyltransferase 74F2'
2 branched beta-D-glucopyranose-(1-3)-beta-D-glucopyranose
3 non-polymer GLUTAMINE
4 non-polymer beta-D-glucopyranose
5 non-polymer "URIDINE-5'-DIPHOSPHATE"
6 non-polymer '2-HYDROXYBENZOIC ACID'
7 water water
#
_entity_poly.entity_id   1
_entity_poly.type   'polypeptide(L)'
_entity_poly.pdbx_seq_one_letter_code
;MEHKRGHVLAVPYPSQGHITPFRQFCKRLHFKGLKTTLALTTFVFNSINPDLSGPISIATISDGYDHGGFETADSIDDYL
KDFKTSGSKTIADIIQKHQTSDNPITCIVYDAFLPWALDVAREFGLVATPFFTQPCAVNYVYYLSYINNGSLQLPIEELP
FLELQDLPSFFSVSGSYPAYFEMVLQQFINFEKADFVLVNSFQELELHENELWSKACPVLTIGPTIPSIYLDQRIKSDTG
YDLNLFESKDDSFCINWLDTRPQGSVVYVAFGSMAQLTNVQMEELASAVSNFSFLWVVRSSEEEKLPSGFLETVNKEKSL
VLKWSPQLQVLSNKAIGCFLTHCGWNSTMEALTFGVPMVAMPQWTDQPMNAKYIQDVWKAGVRVKTEKESGIAKREEIEF
SIKEVMEGERSKEMKKNVKKWRDLAVKSLNEGGSTDTNIDTFVSRVQSK
;
_entity_poly.pdbx_strand_id   A,B
#
# COMPACT_ATOMS: atom_id res chain seq x y z
N ARG A 5 -15.36 -4.56 -19.25
CA ARG A 5 -13.95 -4.32 -18.94
C ARG A 5 -13.66 -2.85 -18.63
N GLY A 6 -14.27 -2.32 -17.58
CA GLY A 6 -14.00 -0.97 -17.12
C GLY A 6 -13.07 -0.92 -15.92
N HIS A 7 -12.47 0.25 -15.71
CA HIS A 7 -11.52 0.49 -14.61
C HIS A 7 -11.73 1.91 -14.12
N VAL A 8 -12.17 2.08 -12.87
CA VAL A 8 -12.42 3.40 -12.30
C VAL A 8 -11.25 3.80 -11.41
N LEU A 9 -10.69 4.99 -11.66
CA LEU A 9 -9.75 5.62 -10.74
C LEU A 9 -10.54 6.56 -9.84
N ALA A 10 -10.67 6.23 -8.56
CA ALA A 10 -11.42 7.04 -7.61
C ALA A 10 -10.47 7.95 -6.82
N VAL A 11 -10.78 9.24 -6.78
CA VAL A 11 -9.90 10.21 -6.13
C VAL A 11 -10.62 11.01 -5.06
N PRO A 12 -10.64 10.55 -3.81
CA PRO A 12 -11.24 11.36 -2.73
C PRO A 12 -10.38 12.56 -2.37
N TYR A 13 -11.05 13.57 -1.79
CA TYR A 13 -10.33 14.57 -1.01
C TYR A 13 -9.69 13.88 0.19
N PRO A 14 -8.42 14.30 0.59
CA PRO A 14 -7.64 13.50 1.57
C PRO A 14 -8.02 13.77 3.02
N SER A 15 -9.23 13.35 3.38
CA SER A 15 -9.70 13.46 4.74
C SER A 15 -10.59 12.27 5.00
N GLN A 16 -10.81 11.96 6.28
CA GLN A 16 -11.56 10.75 6.62
C GLN A 16 -12.98 10.80 6.10
N GLY A 17 -13.61 11.96 6.17
CA GLY A 17 -15.03 11.97 5.79
C GLY A 17 -15.25 11.85 4.30
N HIS A 18 -14.19 11.96 3.51
CA HIS A 18 -14.26 11.80 2.08
C HIS A 18 -13.69 10.48 1.59
N ILE A 19 -12.60 10.00 2.20
CA ILE A 19 -12.04 8.72 1.82
C ILE A 19 -13.02 7.58 2.13
N THR A 20 -13.71 7.66 3.26
CA THR A 20 -14.64 6.58 3.63
C THR A 20 -15.78 6.37 2.66
N PRO A 21 -16.59 7.39 2.30
CA PRO A 21 -17.62 7.12 1.27
C PRO A 21 -17.03 6.66 -0.05
N PHE A 22 -15.83 7.17 -0.42
CA PHE A 22 -15.22 6.74 -1.68
C PHE A 22 -14.85 5.27 -1.61
N ARG A 23 -14.26 4.86 -0.51
CA ARG A 23 -13.91 3.44 -0.37
C ARG A 23 -15.16 2.57 -0.35
N GLN A 24 -16.20 2.97 0.36
CA GLN A 24 -17.41 2.16 0.41
C GLN A 24 -18.07 2.08 -0.96
N PHE A 25 -18.04 3.18 -1.71
CA PHE A 25 -18.60 3.16 -3.05
C PHE A 25 -17.82 2.23 -3.97
N CYS A 26 -16.47 2.22 -3.83
CA CYS A 26 -15.68 1.30 -4.66
C CYS A 26 -16.02 -0.16 -4.35
N LYS A 27 -16.31 -0.47 -3.08
CA LYS A 27 -16.71 -1.84 -2.74
C LYS A 27 -18.01 -2.20 -3.45
N ARG A 28 -18.92 -1.24 -3.58
CA ARG A 28 -20.14 -1.50 -4.36
C ARG A 28 -19.81 -1.73 -5.83
N LEU A 29 -18.86 -0.97 -6.36
CA LEU A 29 -18.51 -1.16 -7.76
C LEU A 29 -17.86 -2.51 -7.96
N HIS A 30 -17.03 -2.93 -7.01
CA HIS A 30 -16.40 -4.25 -7.10
C HIS A 30 -17.46 -5.34 -7.09
N PHE A 31 -18.49 -5.16 -6.24
CA PHE A 31 -19.57 -6.13 -6.19
C PHE A 31 -20.35 -6.17 -7.49
N LYS A 32 -20.40 -5.07 -8.24
CA LYS A 32 -21.07 -5.06 -9.54
C LYS A 32 -20.17 -5.50 -10.68
N GLY A 33 -18.92 -5.85 -10.40
CA GLY A 33 -18.01 -6.33 -11.42
C GLY A 33 -17.09 -5.29 -12.03
N LEU A 34 -16.95 -4.11 -11.42
CA LEU A 34 -16.19 -3.00 -11.97
C LEU A 34 -14.90 -2.86 -11.16
N LYS A 35 -13.74 -2.99 -11.83
CA LYS A 35 -12.47 -2.79 -11.14
C LYS A 35 -12.30 -1.33 -10.74
N THR A 36 -11.74 -1.12 -9.55
CA THR A 36 -11.44 0.23 -9.07
C THR A 36 -10.02 0.28 -8.54
N THR A 37 -9.41 1.44 -8.74
CA THR A 37 -8.18 1.81 -8.05
C THR A 37 -8.47 3.09 -7.25
N LEU A 38 -8.08 3.10 -5.99
CA LEU A 38 -8.28 4.26 -5.14
C LEU A 38 -6.99 5.08 -5.07
N ALA A 39 -7.05 6.34 -5.48
CA ALA A 39 -5.88 7.22 -5.50
C ALA A 39 -5.80 7.96 -4.18
N LEU A 40 -4.83 7.59 -3.34
CA LEU A 40 -4.61 8.22 -2.05
C LEU A 40 -3.33 9.06 -2.07
N THR A 41 -3.34 10.18 -1.35
CA THR A 41 -2.08 10.94 -1.21
C THR A 41 -1.09 10.14 -0.37
N THR A 42 0.20 10.34 -0.67
CA THR A 42 1.25 9.59 0.02
C THR A 42 1.17 9.79 1.53
N PHE A 43 0.86 11.00 1.98
CA PHE A 43 0.78 11.22 3.43
C PHE A 43 -0.36 10.42 4.04
N VAL A 44 -1.52 10.39 3.38
CA VAL A 44 -2.64 9.62 3.89
C VAL A 44 -2.33 8.13 3.83
N PHE A 45 -1.77 7.67 2.69
CA PHE A 45 -1.47 6.24 2.55
C PHE A 45 -0.54 5.75 3.66
N ASN A 46 0.49 6.52 4.01
CA ASN A 46 1.38 6.06 5.07
C ASN A 46 0.80 6.27 6.46
N SER A 47 -0.34 6.96 6.58
CA SER A 47 -1.02 7.14 7.85
C SER A 47 -2.04 6.04 8.17
N ILE A 48 -2.42 5.22 7.20
CA ILE A 48 -3.47 4.23 7.44
C ILE A 48 -2.85 2.97 8.03
N ASN A 49 -3.58 2.29 8.91
CA ASN A 49 -3.13 0.98 9.33
C ASN A 49 -3.97 -0.07 8.62
N PRO A 50 -3.42 -0.81 7.68
CA PRO A 50 -4.26 -1.66 6.83
C PRO A 50 -4.82 -2.90 7.54
N ASP A 51 -6.08 -2.84 7.96
CA ASP A 51 -6.84 -4.02 8.37
C ASP A 51 -8.03 -4.06 7.42
N LEU A 52 -7.81 -4.62 6.24
CA LEU A 52 -8.77 -4.54 5.15
C LEU A 52 -9.96 -5.47 5.36
N SER A 53 -11.13 -5.01 4.93
CA SER A 53 -12.35 -5.82 4.88
C SER A 53 -12.81 -5.91 3.42
N GLY A 54 -12.00 -6.58 2.60
CA GLY A 54 -12.27 -6.69 1.19
C GLY A 54 -11.06 -6.40 0.34
N PRO A 55 -11.13 -6.79 -0.94
CA PRO A 55 -10.05 -6.49 -1.88
C PRO A 55 -9.87 -5.00 -2.07
N ILE A 56 -8.62 -4.57 -2.26
CA ILE A 56 -8.34 -3.15 -2.45
C ILE A 56 -7.11 -2.99 -3.33
N SER A 57 -7.22 -2.11 -4.31
CA SER A 57 -6.09 -1.67 -5.12
C SER A 57 -5.91 -0.17 -4.88
N ILE A 58 -4.70 0.22 -4.47
CA ILE A 58 -4.41 1.60 -4.11
C ILE A 58 -3.24 2.09 -4.94
N ALA A 59 -3.37 3.28 -5.51
CA ALA A 59 -2.22 3.99 -6.10
C ALA A 59 -2.00 5.28 -5.32
N THR A 60 -0.75 5.69 -5.16
CA THR A 60 -0.55 6.93 -4.42
C THR A 60 -0.34 8.07 -5.39
N ILE A 61 -0.76 9.25 -4.97
CA ILE A 61 -0.60 10.52 -5.65
C ILE A 61 0.02 11.46 -4.63
N SER A 62 0.24 12.71 -5.04
CA SER A 62 0.80 13.68 -4.11
C SER A 62 -0.05 14.93 -4.09
N ASP A 63 -0.22 15.51 -2.91
CA ASP A 63 -0.79 16.84 -2.79
C ASP A 63 0.28 17.91 -2.63
N GLY A 64 1.55 17.51 -2.66
CA GLY A 64 2.64 18.41 -2.41
C GLY A 64 3.11 18.45 -0.97
N TYR A 65 2.58 17.57 -0.12
CA TYR A 65 2.90 17.56 1.32
C TYR A 65 3.03 16.13 1.82
N ASP A 66 3.84 15.35 1.12
CA ASP A 66 4.01 13.93 1.47
C ASP A 66 4.53 13.76 2.90
N HIS A 67 5.40 14.67 3.35
CA HIS A 67 6.07 14.48 4.63
C HIS A 67 5.15 14.81 5.79
N GLY A 68 4.50 15.98 5.74
CA GLY A 68 3.70 16.45 6.85
C GLY A 68 2.20 16.54 6.61
N GLY A 69 1.76 16.33 5.37
CA GLY A 69 0.34 16.51 5.12
C GLY A 69 -0.06 17.98 5.27
N PHE A 70 -1.36 18.18 5.50
CA PHE A 70 -1.93 19.53 5.47
C PHE A 70 -1.28 20.46 6.49
N GLU A 71 -0.90 19.94 7.66
CA GLU A 71 -0.40 20.82 8.71
C GLU A 71 0.84 21.58 8.28
N THR A 72 1.62 21.06 7.32
CA THR A 72 2.83 21.77 6.88
C THR A 72 2.58 22.76 5.75
N ALA A 73 1.34 22.93 5.30
CA ALA A 73 1.04 24.01 4.37
C ALA A 73 1.01 25.36 5.11
N ASP A 74 1.43 26.42 4.39
CA ASP A 74 1.38 27.77 4.97
C ASP A 74 -0.04 28.22 5.20
N SER A 75 -0.98 27.78 4.38
CA SER A 75 -2.34 28.29 4.38
C SER A 75 -3.22 27.31 3.61
N ILE A 76 -4.53 27.43 3.86
CA ILE A 76 -5.50 26.58 3.18
C ILE A 76 -5.47 26.83 1.69
N ASP A 77 -5.31 28.09 1.29
CA ASP A 77 -5.27 28.35 -0.15
C ASP A 77 -4.02 27.77 -0.80
N ASP A 78 -2.89 27.76 -0.10
CA ASP A 78 -1.71 27.15 -0.68
C ASP A 78 -1.88 25.65 -0.82
N TYR A 79 -2.57 25.02 0.14
CA TYR A 79 -2.73 23.57 0.11
C TYR A 79 -3.53 23.16 -1.11
N LEU A 80 -4.68 23.80 -1.32
CA LEU A 80 -5.53 23.46 -2.46
C LEU A 80 -4.84 23.78 -3.79
N LYS A 81 -4.02 24.83 -3.80
CA LYS A 81 -3.31 25.22 -5.01
C LYS A 81 -2.21 24.22 -5.36
N ASP A 82 -1.40 23.85 -4.37
CA ASP A 82 -0.38 22.84 -4.62
C ASP A 82 -1.00 21.49 -4.95
N PHE A 83 -2.12 21.15 -4.31
CA PHE A 83 -2.78 19.87 -4.59
C PHE A 83 -3.29 19.83 -6.03
N LYS A 84 -3.82 20.93 -6.54
CA LYS A 84 -4.21 20.93 -7.95
C LYS A 84 -3.00 20.72 -8.85
N THR A 85 -1.85 21.29 -8.49
CA THR A 85 -0.68 21.20 -9.35
C THR A 85 -0.04 19.81 -9.27
N SER A 86 0.32 19.39 -8.05
CA SER A 86 0.89 18.06 -7.83
C SER A 86 -0.11 16.95 -8.13
N GLY A 87 -1.36 17.12 -7.70
CA GLY A 87 -2.35 16.07 -7.89
C GLY A 87 -2.69 15.85 -9.35
N SER A 88 -2.73 16.92 -10.13
CA SER A 88 -2.99 16.76 -11.56
C SER A 88 -1.86 15.99 -12.26
N LYS A 89 -0.61 16.22 -11.86
CA LYS A 89 0.48 15.50 -12.52
C LYS A 89 0.46 14.03 -12.12
N THR A 90 0.33 13.75 -10.82
CA THR A 90 0.42 12.38 -10.35
C THR A 90 -0.81 11.55 -10.67
N ILE A 91 -1.98 12.17 -10.85
CA ILE A 91 -3.11 11.41 -11.37
C ILE A 91 -2.84 11.00 -12.80
N ALA A 92 -2.30 11.91 -13.61
CA ALA A 92 -1.99 11.59 -14.99
C ALA A 92 -0.95 10.50 -15.09
N ASP A 93 -0.04 10.43 -14.11
CA ASP A 93 0.95 9.35 -14.05
C ASP A 93 0.27 7.98 -13.97
N ILE A 94 -0.74 7.86 -13.11
CA ILE A 94 -1.43 6.58 -12.96
C ILE A 94 -2.11 6.19 -14.25
N ILE A 95 -2.79 7.13 -14.89
CA ILE A 95 -3.52 6.80 -16.12
C ILE A 95 -2.53 6.40 -17.21
N GLN A 96 -1.42 7.12 -17.33
CA GLN A 96 -0.48 6.83 -18.40
C GLN A 96 0.17 5.47 -18.20
N LYS A 97 0.59 5.19 -16.95
CA LYS A 97 1.21 3.90 -16.67
C LYS A 97 0.25 2.75 -16.95
N HIS A 98 -1.03 2.94 -16.69
CA HIS A 98 -1.97 1.84 -16.86
C HIS A 98 -2.42 1.67 -18.31
N GLN A 99 -2.09 2.62 -19.19
CA GLN A 99 -2.56 2.53 -20.58
C GLN A 99 -2.06 1.25 -21.26
N THR A 100 -0.84 0.82 -20.94
CA THR A 100 -0.32 -0.46 -21.41
C THR A 100 -0.38 -1.48 -20.29
N SER A 101 -1.61 -1.95 -20.03
CA SER A 101 -1.85 -2.89 -18.96
C SER A 101 -3.11 -3.66 -19.30
N ASP A 102 -3.39 -4.67 -18.48
CA ASP A 102 -4.57 -5.51 -18.71
C ASP A 102 -5.84 -4.67 -18.74
N ASN A 103 -6.01 -3.78 -17.76
CA ASN A 103 -7.20 -2.93 -17.64
C ASN A 103 -6.76 -1.47 -17.55
N PRO A 104 -6.63 -0.77 -18.68
CA PRO A 104 -6.39 0.67 -18.63
C PRO A 104 -7.55 1.38 -17.95
N ILE A 105 -7.24 2.47 -17.25
CA ILE A 105 -8.29 3.25 -16.62
C ILE A 105 -9.23 3.79 -17.69
N THR A 106 -10.54 3.66 -17.44
CA THR A 106 -11.56 4.17 -18.36
C THR A 106 -12.40 5.29 -17.78
N CYS A 107 -12.28 5.58 -16.48
CA CYS A 107 -13.16 6.56 -15.86
C CYS A 107 -12.51 7.09 -14.59
N ILE A 108 -12.74 8.36 -14.32
CA ILE A 108 -12.28 9.02 -13.10
C ILE A 108 -13.49 9.44 -12.30
N VAL A 109 -13.67 8.84 -11.13
CA VAL A 109 -14.59 9.35 -10.13
C VAL A 109 -13.75 10.21 -9.20
N TYR A 110 -13.97 11.51 -9.22
CA TYR A 110 -13.17 12.42 -8.41
C TYR A 110 -14.07 13.20 -7.46
N ASP A 111 -13.51 13.56 -6.30
CA ASP A 111 -14.22 14.35 -5.32
C ASP A 111 -14.65 15.70 -5.92
N ALA A 112 -15.90 16.11 -5.65
CA ALA A 112 -16.37 17.37 -6.23
C ALA A 112 -15.53 18.55 -5.75
N PHE A 113 -14.85 18.41 -4.60
CA PHE A 113 -13.93 19.44 -4.12
C PHE A 113 -12.78 19.67 -5.07
N LEU A 114 -12.53 18.76 -6.03
CA LEU A 114 -11.32 18.76 -6.86
C LEU A 114 -11.72 18.77 -8.33
N PRO A 115 -12.32 19.87 -8.80
CA PRO A 115 -12.85 19.89 -10.17
C PRO A 115 -11.78 19.86 -11.23
N TRP A 116 -10.52 20.16 -10.89
CA TRP A 116 -9.42 20.00 -11.82
C TRP A 116 -9.24 18.57 -12.29
N ALA A 117 -9.74 17.59 -11.53
CA ALA A 117 -9.62 16.22 -11.98
C ALA A 117 -10.41 15.96 -13.26
N LEU A 118 -11.46 16.74 -13.53
CA LEU A 118 -12.17 16.57 -14.78
C LEU A 118 -11.29 16.97 -15.97
N ASP A 119 -10.42 17.96 -15.78
CA ASP A 119 -9.49 18.35 -16.84
C ASP A 119 -8.56 17.22 -17.20
N VAL A 120 -8.08 16.49 -16.19
CA VAL A 120 -7.21 15.35 -16.45
C VAL A 120 -7.98 14.26 -17.18
N ALA A 121 -9.22 13.98 -16.74
CA ALA A 121 -9.96 12.91 -17.38
C ALA A 121 -10.23 13.23 -18.84
N ARG A 122 -10.45 14.51 -19.15
CA ARG A 122 -10.68 14.90 -20.53
C ARG A 122 -9.39 14.77 -21.35
N GLU A 123 -8.25 15.08 -20.74
CA GLU A 123 -6.98 15.03 -21.45
C GLU A 123 -6.69 13.62 -21.95
N PHE A 124 -7.21 12.61 -21.27
CA PHE A 124 -6.96 11.22 -21.64
C PHE A 124 -8.18 10.54 -22.21
N GLY A 125 -9.24 11.28 -22.54
CA GLY A 125 -10.40 10.70 -23.20
C GLY A 125 -11.22 9.81 -22.29
N LEU A 126 -11.24 10.10 -20.99
CA LEU A 126 -11.87 9.26 -19.99
C LEU A 126 -13.23 9.82 -19.58
N VAL A 127 -14.12 8.92 -19.17
CA VAL A 127 -15.34 9.35 -18.52
C VAL A 127 -15.01 10.01 -17.18
N ALA A 128 -15.69 11.12 -16.87
CA ALA A 128 -15.41 11.89 -15.66
C ALA A 128 -16.69 12.13 -14.89
N THR A 129 -16.66 11.84 -13.58
CA THR A 129 -17.84 12.04 -12.74
C THR A 129 -17.47 12.54 -11.36
N PRO A 130 -17.86 13.78 -11.01
CA PRO A 130 -17.63 14.27 -9.65
C PRO A 130 -18.46 13.49 -8.64
N PHE A 131 -17.94 13.40 -7.42
CA PHE A 131 -18.58 12.67 -6.34
C PHE A 131 -18.77 13.64 -5.18
N PHE A 132 -20.02 13.99 -4.90
CA PHE A 132 -20.33 14.89 -3.78
C PHE A 132 -20.54 14.06 -2.52
N THR A 133 -19.74 14.33 -1.48
CA THR A 133 -19.89 13.61 -0.23
C THR A 133 -20.81 14.32 0.77
N GLN A 134 -21.54 15.35 0.34
CA GLN A 134 -22.47 16.08 1.20
C GLN A 134 -23.88 16.00 0.62
N PRO A 135 -24.94 16.20 1.43
CA PRO A 135 -26.30 15.88 0.95
C PRO A 135 -26.77 16.84 -0.12
N CYS A 136 -27.84 16.43 -0.81
CA CYS A 136 -28.36 17.21 -1.95
C CYS A 136 -28.76 18.62 -1.54
N ALA A 137 -29.34 18.78 -0.34
CA ALA A 137 -29.77 20.11 0.06
C ALA A 137 -28.57 21.04 0.19
N VAL A 138 -27.49 20.56 0.78
CA VAL A 138 -26.29 21.40 0.90
C VAL A 138 -25.75 21.75 -0.48
N ASN A 139 -25.64 20.74 -1.36
CA ASN A 139 -25.04 21.00 -2.66
C ASN A 139 -25.90 21.95 -3.50
N TYR A 140 -27.23 21.80 -3.42
CA TYR A 140 -28.15 22.65 -4.18
C TYR A 140 -27.99 24.11 -3.78
N VAL A 141 -27.88 24.38 -2.47
CA VAL A 141 -27.62 25.73 -2.00
C VAL A 141 -26.32 26.26 -2.59
N TYR A 142 -25.28 25.43 -2.62
CA TYR A 142 -24.03 25.90 -3.23
C TYR A 142 -24.17 26.11 -4.72
N TYR A 143 -24.98 25.28 -5.39
CA TYR A 143 -25.19 25.47 -6.81
C TYR A 143 -25.92 26.78 -7.07
N LEU A 144 -26.89 27.12 -6.21
CA LEU A 144 -27.61 28.37 -6.41
C LEU A 144 -26.68 29.56 -6.23
N SER A 145 -25.72 29.46 -5.31
CA SER A 145 -24.78 30.55 -5.15
C SER A 145 -23.90 30.69 -6.39
N TYR A 146 -23.50 29.55 -6.98
CA TYR A 146 -22.53 29.58 -8.06
C TYR A 146 -23.11 30.17 -9.34
N ILE A 147 -24.36 29.84 -9.66
CA ILE A 147 -24.95 30.37 -10.88
C ILE A 147 -25.40 31.81 -10.73
N ASN A 148 -25.39 32.34 -9.51
CA ASN A 148 -25.49 33.77 -9.29
C ASN A 148 -24.10 34.37 -9.49
N ASN A 149 -23.41 34.71 -8.40
CA ASN A 149 -21.96 34.55 -8.35
C ASN A 149 -21.49 34.77 -6.91
N GLY A 150 -21.51 33.69 -6.13
CA GLY A 150 -21.01 33.74 -4.78
C GLY A 150 -21.95 34.33 -3.77
N SER A 151 -23.21 34.57 -4.14
CA SER A 151 -24.20 35.15 -3.25
C SER A 151 -25.48 34.35 -3.31
N LEU A 152 -26.09 34.14 -2.15
CA LEU A 152 -27.37 33.46 -2.08
C LEU A 152 -28.46 34.44 -1.65
N GLN A 153 -29.65 34.28 -2.22
CA GLN A 153 -30.79 35.15 -1.96
C GLN A 153 -31.76 34.43 -1.03
N LEU A 154 -31.86 34.89 0.22
CA LEU A 154 -32.91 34.38 1.08
C LEU A 154 -34.19 35.17 0.88
N PRO A 155 -35.37 34.52 1.02
CA PRO A 155 -35.53 33.07 1.11
C PRO A 155 -35.18 32.35 -0.19
N ILE A 156 -34.71 31.11 -0.09
CA ILE A 156 -34.60 30.25 -1.27
C ILE A 156 -36.02 29.88 -1.69
N GLU A 157 -36.35 30.18 -2.95
CA GLU A 157 -37.75 30.17 -3.37
C GLU A 157 -38.35 28.77 -3.25
N GLU A 158 -37.66 27.75 -3.77
CA GLU A 158 -38.21 26.40 -3.71
C GLU A 158 -37.91 25.69 -2.38
N LEU A 159 -37.12 26.31 -1.49
CA LEU A 159 -36.93 25.82 -0.13
C LEU A 159 -37.14 26.95 0.87
N PRO A 160 -38.36 27.45 1.00
CA PRO A 160 -38.55 28.71 1.74
C PRO A 160 -38.39 28.59 3.25
N PHE A 161 -38.35 27.38 3.82
CA PHE A 161 -38.26 27.24 5.28
C PHE A 161 -36.85 27.47 5.82
N LEU A 162 -35.83 27.55 4.97
CA LEU A 162 -34.45 27.73 5.41
C LEU A 162 -34.16 29.18 5.80
N GLU A 163 -33.53 29.39 6.95
CA GLU A 163 -33.09 30.69 7.43
C GLU A 163 -31.57 30.78 7.41
N LEU A 164 -31.07 31.99 7.70
CA LEU A 164 -29.63 32.24 7.65
C LEU A 164 -28.86 31.34 8.60
N GLN A 165 -29.43 31.02 9.76
CA GLN A 165 -28.67 30.16 10.66
C GLN A 165 -28.76 28.69 10.28
N ASP A 166 -29.57 28.35 9.28
CA ASP A 166 -29.57 27.01 8.73
C ASP A 166 -28.52 26.81 7.65
N LEU A 167 -27.95 27.88 7.12
CA LEU A 167 -27.05 27.78 5.96
C LEU A 167 -25.68 27.26 6.36
N PRO A 168 -24.87 26.84 5.37
CA PRO A 168 -23.48 26.52 5.67
C PRO A 168 -22.77 27.70 6.32
N SER A 169 -21.77 27.39 7.14
CA SER A 169 -21.20 28.39 8.03
C SER A 169 -20.60 29.57 7.26
N PHE A 170 -20.18 29.32 6.01
CA PHE A 170 -19.57 30.39 5.22
C PHE A 170 -20.53 31.54 5.00
N PHE A 171 -21.85 31.27 5.03
CA PHE A 171 -22.81 32.35 4.82
C PHE A 171 -23.09 33.13 6.11
N SER A 172 -23.13 32.44 7.25
CA SER A 172 -23.53 33.07 8.51
C SER A 172 -22.35 33.57 9.35
N VAL A 173 -21.13 33.06 9.11
CA VAL A 173 -19.93 33.62 9.72
C VAL A 173 -19.20 34.38 8.63
N SER A 174 -19.51 35.66 8.47
CA SER A 174 -19.09 36.35 7.25
C SER A 174 -17.57 36.42 7.16
N GLY A 175 -17.05 36.17 5.97
CA GLY A 175 -15.63 36.25 5.74
C GLY A 175 -14.85 35.03 6.20
N SER A 176 -15.52 34.05 6.79
CA SER A 176 -14.81 32.87 7.30
C SER A 176 -14.33 31.98 6.14
N TYR A 177 -13.15 31.37 6.33
CA TYR A 177 -12.61 30.33 5.46
C TYR A 177 -12.81 30.67 3.97
N PRO A 178 -12.30 31.81 3.51
CA PRO A 178 -12.55 32.20 2.11
C PRO A 178 -12.06 31.19 1.08
N ALA A 179 -10.95 30.49 1.35
CA ALA A 179 -10.50 29.52 0.36
C ALA A 179 -11.38 28.26 0.35
N TYR A 180 -11.84 27.81 1.52
CA TYR A 180 -12.78 26.69 1.54
C TYR A 180 -14.13 27.07 0.94
N PHE A 181 -14.57 28.32 1.12
CA PHE A 181 -15.81 28.79 0.52
C PHE A 181 -15.72 28.82 -1.00
N GLU A 182 -14.59 29.29 -1.53
CA GLU A 182 -14.39 29.23 -2.97
C GLU A 182 -14.37 27.78 -3.45
N MET A 183 -13.83 26.88 -2.63
CA MET A 183 -13.78 25.48 -3.02
C MET A 183 -15.18 24.91 -3.18
N VAL A 184 -16.05 25.09 -2.17
CA VAL A 184 -17.37 24.46 -2.27
C VAL A 184 -18.16 25.10 -3.40
N LEU A 185 -17.96 26.39 -3.66
CA LEU A 185 -18.61 27.02 -4.79
C LEU A 185 -18.06 26.51 -6.11
N GLN A 186 -16.75 26.24 -6.16
CA GLN A 186 -16.14 25.85 -7.42
C GLN A 186 -16.33 24.37 -7.74
N GLN A 187 -17.10 23.64 -6.94
CA GLN A 187 -17.51 22.28 -7.31
C GLN A 187 -18.34 22.29 -8.58
N PHE A 188 -18.94 23.42 -8.96
CA PHE A 188 -19.82 23.49 -10.12
C PHE A 188 -19.21 24.20 -11.33
N ILE A 189 -17.89 24.44 -11.33
CA ILE A 189 -17.30 25.22 -12.41
C ILE A 189 -17.38 24.48 -13.74
N ASN A 190 -17.35 23.16 -13.72
CA ASN A 190 -17.32 22.41 -14.97
C ASN A 190 -18.21 21.18 -14.91
N PHE A 191 -19.05 21.05 -13.89
CA PHE A 191 -19.95 19.93 -13.77
C PHE A 191 -20.83 19.78 -15.00
N GLU A 192 -21.02 20.88 -15.74
CA GLU A 192 -21.66 20.89 -17.03
C GLU A 192 -21.07 19.81 -17.94
N LYS A 193 -19.73 19.77 -18.00
CA LYS A 193 -18.98 18.88 -18.87
C LYS A 193 -18.83 17.47 -18.30
N ALA A 194 -19.27 17.24 -17.07
CA ALA A 194 -19.22 15.92 -16.45
C ALA A 194 -20.28 15.00 -17.03
N ASP A 195 -20.00 13.69 -16.99
CA ASP A 195 -20.95 12.72 -17.50
C ASP A 195 -22.09 12.51 -16.52
N PHE A 196 -21.78 12.30 -15.24
CA PHE A 196 -22.79 12.18 -14.20
C PHE A 196 -22.33 12.94 -12.99
N VAL A 197 -23.28 13.17 -12.09
CA VAL A 197 -22.98 13.73 -10.77
C VAL A 197 -23.43 12.71 -9.74
N LEU A 198 -22.49 12.27 -8.91
CA LEU A 198 -22.76 11.26 -7.89
C LEU A 198 -22.85 11.92 -6.54
N VAL A 199 -23.77 11.45 -5.71
CA VAL A 199 -23.97 12.05 -4.39
C VAL A 199 -24.16 10.94 -3.36
N ASN A 200 -23.55 11.13 -2.18
CA ASN A 200 -23.66 10.13 -1.10
C ASN A 200 -24.90 10.41 -0.27
N SER A 201 -26.04 10.10 -0.88
CA SER A 201 -27.34 10.23 -0.24
C SER A 201 -28.25 9.19 -0.89
N PHE A 202 -29.46 9.03 -0.37
CA PHE A 202 -30.42 8.20 -1.08
C PHE A 202 -31.71 8.99 -1.23
N GLN A 203 -32.43 8.68 -2.31
CA GLN A 203 -33.49 9.57 -2.79
C GLN A 203 -34.56 9.80 -1.75
N GLU A 204 -34.93 8.75 -1.00
CA GLU A 204 -36.03 8.89 -0.05
C GLU A 204 -35.66 9.78 1.13
N LEU A 205 -34.37 10.07 1.32
CA LEU A 205 -33.96 10.93 2.41
C LEU A 205 -34.19 12.42 2.14
N GLU A 206 -34.07 12.85 0.88
CA GLU A 206 -34.28 14.25 0.49
C GLU A 206 -34.94 14.24 -0.88
N LEU A 207 -36.20 13.78 -0.94
CA LEU A 207 -36.87 13.67 -2.23
C LEU A 207 -36.96 15.03 -2.91
N HIS A 208 -37.45 16.03 -2.18
CA HIS A 208 -37.66 17.35 -2.76
C HIS A 208 -36.35 17.92 -3.29
N GLU A 209 -35.31 17.91 -2.46
CA GLU A 209 -34.03 18.51 -2.85
C GLU A 209 -33.35 17.71 -3.95
N ASN A 210 -33.46 16.38 -3.91
CA ASN A 210 -32.92 15.60 -5.02
C ASN A 210 -33.67 15.91 -6.31
N GLU A 211 -34.99 16.09 -6.21
CA GLU A 211 -35.74 16.42 -7.41
C GLU A 211 -35.36 17.80 -7.93
N LEU A 212 -35.18 18.76 -7.04
CA LEU A 212 -34.83 20.11 -7.47
C LEU A 212 -33.45 20.14 -8.10
N TRP A 213 -32.46 19.58 -7.42
CA TRP A 213 -31.10 19.63 -7.96
C TRP A 213 -31.00 18.85 -9.27
N SER A 214 -31.81 17.82 -9.43
CA SER A 214 -31.78 17.02 -10.65
C SER A 214 -32.30 17.77 -11.87
N LYS A 215 -33.10 18.82 -11.70
CA LYS A 215 -33.50 19.62 -12.85
C LYS A 215 -32.30 20.31 -13.49
N ALA A 216 -31.29 20.67 -12.70
CA ALA A 216 -30.13 21.35 -13.25
C ALA A 216 -29.08 20.39 -13.81
N CYS A 217 -29.04 19.15 -13.31
CA CYS A 217 -27.91 18.25 -13.54
C CYS A 217 -28.41 16.81 -13.56
N PRO A 218 -27.70 15.91 -14.22
CA PRO A 218 -27.98 14.48 -14.04
C PRO A 218 -27.38 14.00 -12.73
N VAL A 219 -28.17 13.95 -11.67
CA VAL A 219 -27.68 13.56 -10.35
C VAL A 219 -28.07 12.11 -10.09
N LEU A 220 -27.12 11.32 -9.59
CA LEU A 220 -27.38 9.93 -9.20
C LEU A 220 -27.05 9.77 -7.72
N THR A 221 -28.09 9.61 -6.90
CA THR A 221 -27.88 9.17 -5.52
C THR A 221 -27.37 7.75 -5.51
N ILE A 222 -26.28 7.51 -4.77
CA ILE A 222 -25.67 6.18 -4.74
C ILE A 222 -25.40 5.75 -3.30
N GLY A 223 -25.96 6.46 -2.34
CA GLY A 223 -25.71 6.16 -0.94
C GLY A 223 -26.87 5.42 -0.33
N PRO A 224 -26.86 5.26 1.00
CA PRO A 224 -25.78 5.64 1.91
C PRO A 224 -24.59 4.72 1.76
N THR A 225 -23.38 5.19 2.06
CA THR A 225 -22.16 4.39 1.99
C THR A 225 -21.90 3.61 3.27
N ILE A 226 -22.94 3.21 4.00
CA ILE A 226 -22.77 2.51 5.28
C ILE A 226 -22.49 1.06 4.93
N PRO A 227 -21.67 0.35 5.69
CA PRO A 227 -21.24 -0.98 5.23
C PRO A 227 -22.41 -1.94 5.06
N SER A 228 -22.30 -2.78 4.03
CA SER A 228 -23.39 -3.63 3.59
C SER A 228 -23.96 -4.48 4.72
N ILE A 229 -23.12 -4.91 5.67
CA ILE A 229 -23.57 -5.82 6.72
C ILE A 229 -24.65 -5.20 7.58
N TYR A 230 -24.64 -3.89 7.72
CA TYR A 230 -25.66 -3.23 8.54
C TYR A 230 -26.96 -2.98 7.80
N LEU A 231 -26.97 -3.19 6.50
CA LEU A 231 -28.13 -2.82 5.71
C LEU A 231 -28.55 -3.99 4.83
N ASP A 232 -28.32 -3.86 3.53
CA ASP A 232 -28.80 -4.84 2.56
C ASP A 232 -28.13 -6.20 2.69
N GLN A 233 -26.93 -6.25 3.26
CA GLN A 233 -26.15 -7.49 3.47
C GLN A 233 -25.88 -8.25 2.16
N ARG A 234 -25.90 -7.56 1.02
CA ARG A 234 -25.57 -8.19 -0.26
C ARG A 234 -24.06 -8.38 -0.45
N ILE A 235 -23.23 -7.53 0.14
CA ILE A 235 -21.77 -7.66 0.05
C ILE A 235 -21.28 -8.28 1.34
N LYS A 236 -20.90 -9.56 1.27
CA LYS A 236 -20.52 -10.27 2.48
C LYS A 236 -19.23 -9.76 3.09
N SER A 237 -18.28 -9.28 2.27
CA SER A 237 -17.04 -8.81 2.85
C SER A 237 -17.13 -7.41 3.44
N ASP A 238 -18.24 -6.69 3.22
CA ASP A 238 -18.33 -5.27 3.61
C ASP A 238 -18.82 -5.19 5.04
N THR A 239 -17.92 -5.41 6.00
CA THR A 239 -18.30 -5.50 7.40
C THR A 239 -17.97 -4.27 8.21
N GLY A 240 -17.27 -3.30 7.64
CA GLY A 240 -16.91 -2.14 8.41
C GLY A 240 -16.18 -1.16 7.51
N TYR A 241 -15.88 -0.01 8.11
CA TYR A 241 -14.99 0.95 7.49
C TYR A 241 -13.55 0.45 7.66
N ASP A 242 -12.81 0.32 6.57
CA ASP A 242 -11.50 -0.32 6.65
C ASP A 242 -10.32 0.59 6.26
N LEU A 243 -10.55 1.87 6.05
CA LEU A 243 -9.46 2.81 5.73
C LEU A 243 -9.53 3.92 6.77
N ASN A 244 -8.90 3.68 7.92
CA ASN A 244 -8.97 4.59 9.04
C ASN A 244 -7.64 5.33 9.17
N LEU A 245 -7.71 6.66 9.18
CA LEU A 245 -6.61 7.57 9.46
C LEU A 245 -6.26 7.65 10.94
N PHE A 246 -7.12 7.16 11.81
CA PHE A 246 -6.95 7.28 13.26
C PHE A 246 -6.86 5.88 13.86
N GLU A 247 -5.89 5.67 14.73
CA GLU A 247 -5.72 4.35 15.30
C GLU A 247 -6.87 4.00 16.24
N SER A 248 -7.31 2.75 16.15
CA SER A 248 -8.62 2.31 16.63
C SER A 248 -8.63 1.84 18.07
N LYS A 249 -7.49 1.93 18.78
CA LYS A 249 -7.42 1.65 20.20
C LYS A 249 -7.42 0.15 20.46
N ASP A 250 -7.80 -0.65 19.44
CA ASP A 250 -8.18 -2.07 19.51
C ASP A 250 -9.59 -2.19 20.08
N ASP A 251 -10.59 -2.25 19.19
CA ASP A 251 -11.90 -1.69 19.45
C ASP A 251 -12.66 -2.33 20.61
N SER A 252 -12.31 -3.57 20.98
CA SER A 252 -13.18 -4.37 21.84
C SER A 252 -13.48 -3.71 23.18
N PHE A 253 -12.55 -2.93 23.74
CA PHE A 253 -12.76 -2.39 25.08
C PHE A 253 -14.06 -1.58 25.15
N CYS A 254 -14.21 -0.65 24.21
CA CYS A 254 -15.37 0.23 24.22
C CYS A 254 -16.67 -0.55 24.02
N ILE A 255 -16.69 -1.48 23.06
CA ILE A 255 -17.91 -2.23 22.81
C ILE A 255 -18.20 -3.25 23.91
N ASN A 256 -17.15 -3.81 24.55
CA ASN A 256 -17.40 -4.62 25.74
C ASN A 256 -17.99 -3.76 26.86
N TRP A 257 -17.48 -2.53 27.00
CA TRP A 257 -17.97 -1.63 28.04
C TRP A 257 -19.40 -1.19 27.78
N LEU A 258 -19.81 -1.04 26.53
CA LEU A 258 -21.19 -0.67 26.23
C LEU A 258 -22.17 -1.79 26.52
N ASP A 259 -21.73 -3.05 26.39
CA ASP A 259 -22.65 -4.18 26.58
C ASP A 259 -23.09 -4.33 28.03
N THR A 260 -22.29 -3.83 28.98
CA THR A 260 -22.67 -3.87 30.38
C THR A 260 -23.71 -2.81 30.75
N ARG A 261 -23.91 -1.79 29.88
CA ARG A 261 -24.80 -0.74 30.30
C ARG A 261 -26.26 -1.04 29.95
N PRO A 262 -27.19 -0.50 30.72
CA PRO A 262 -28.61 -0.64 30.39
C PRO A 262 -28.96 0.07 29.10
N GLN A 263 -30.01 -0.45 28.46
CA GLN A 263 -30.40 0.03 27.14
C GLN A 263 -30.73 1.52 27.17
N GLY A 264 -30.22 2.24 26.18
CA GLY A 264 -30.57 3.64 26.03
C GLY A 264 -30.01 4.53 27.11
N SER A 265 -29.01 4.06 27.86
CA SER A 265 -28.51 4.87 28.98
C SER A 265 -27.31 5.73 28.62
N VAL A 266 -26.59 5.42 27.55
CA VAL A 266 -25.34 6.09 27.27
C VAL A 266 -25.58 7.22 26.27
N VAL A 267 -25.04 8.40 26.58
CA VAL A 267 -24.98 9.52 25.65
C VAL A 267 -23.65 9.44 24.90
N TYR A 268 -23.70 9.14 23.60
CA TYR A 268 -22.49 9.09 22.79
C TYR A 268 -22.20 10.48 22.23
N VAL A 269 -20.93 10.90 22.31
CA VAL A 269 -20.48 12.26 22.01
C VAL A 269 -19.28 12.18 21.10
N ALA A 270 -19.39 12.73 19.88
CA ALA A 270 -18.23 12.72 19.01
C ALA A 270 -18.35 13.86 18.02
N PHE A 271 -17.20 14.33 17.55
CA PHE A 271 -17.15 15.51 16.70
C PHE A 271 -16.40 15.25 15.41
N GLY A 272 -16.46 14.01 14.90
CA GLY A 272 -15.82 13.85 13.62
C GLY A 272 -14.30 13.86 13.71
N SER A 273 -13.68 14.05 12.54
CA SER A 273 -12.24 13.87 12.34
C SER A 273 -11.45 15.16 12.34
N MET A 274 -12.07 16.33 12.27
CA MET A 274 -11.28 17.55 12.20
C MET A 274 -11.84 18.75 12.95
N ALA A 275 -13.06 18.68 13.49
CA ALA A 275 -13.60 19.81 14.24
C ALA A 275 -12.79 20.07 15.51
N GLN A 276 -12.47 21.33 15.76
CA GLN A 276 -11.72 21.74 16.94
C GLN A 276 -12.58 22.65 17.81
N LEU A 277 -12.74 22.28 19.07
CA LEU A 277 -13.49 23.08 20.03
C LEU A 277 -12.53 23.88 20.90
N THR A 278 -13.02 25.00 21.43
CA THR A 278 -12.25 25.87 22.33
C THR A 278 -12.25 25.33 23.76
N ASN A 279 -11.29 25.83 24.57
CA ASN A 279 -11.29 25.46 25.98
C ASN A 279 -12.60 25.83 26.65
N VAL A 280 -13.15 26.99 26.29
CA VAL A 280 -14.41 27.40 26.90
C VAL A 280 -15.52 26.43 26.50
N GLN A 281 -15.54 26.03 25.23
CA GLN A 281 -16.57 25.11 24.77
C GLN A 281 -16.37 23.73 25.37
N MET A 282 -15.11 23.29 25.53
CA MET A 282 -14.87 21.98 26.13
C MET A 282 -15.36 21.93 27.57
N GLU A 283 -15.28 23.05 28.29
CA GLU A 283 -15.70 23.05 29.68
C GLU A 283 -17.21 23.04 29.80
N GLU A 284 -17.91 23.78 28.94
CA GLU A 284 -19.37 23.68 28.93
C GLU A 284 -19.80 22.28 28.56
N LEU A 285 -19.07 21.63 27.66
CA LEU A 285 -19.40 20.26 27.30
C LEU A 285 -19.09 19.30 28.44
N ALA A 286 -17.87 19.36 28.98
CA ALA A 286 -17.48 18.43 30.03
C ALA A 286 -18.40 18.54 31.23
N SER A 287 -18.94 19.73 31.51
CA SER A 287 -19.89 19.86 32.61
C SER A 287 -21.24 19.25 32.25
N ALA A 288 -21.73 19.54 31.04
CA ALA A 288 -23.05 19.02 30.65
C ALA A 288 -23.03 17.51 30.50
N VAL A 289 -21.91 16.99 29.98
CA VAL A 289 -21.75 15.57 29.76
C VAL A 289 -21.86 14.80 31.06
N SER A 290 -21.35 15.38 32.14
CA SER A 290 -21.11 14.66 33.38
C SER A 290 -22.37 14.44 34.19
N ASN A 291 -23.49 15.01 33.77
CA ASN A 291 -24.76 14.70 34.39
C ASN A 291 -25.35 13.39 33.87
N PHE A 292 -24.63 12.68 33.00
CA PHE A 292 -25.16 11.51 32.33
C PHE A 292 -24.09 10.44 32.28
N SER A 293 -24.53 9.20 32.02
CA SER A 293 -23.63 8.17 31.54
C SER A 293 -23.27 8.48 30.10
N PHE A 294 -21.98 8.51 29.78
CA PHE A 294 -21.58 8.97 28.46
C PHE A 294 -20.37 8.22 27.92
N LEU A 295 -20.27 8.20 26.60
CA LEU A 295 -19.11 7.73 25.86
C LEU A 295 -18.68 8.87 24.94
N TRP A 296 -17.54 9.50 25.26
CA TRP A 296 -17.10 10.74 24.61
C TRP A 296 -15.77 10.53 23.91
N VAL A 297 -15.71 10.87 22.62
CA VAL A 297 -14.47 10.83 21.86
C VAL A 297 -13.81 12.19 21.94
N VAL A 298 -12.58 12.23 22.45
CA VAL A 298 -11.72 13.41 22.39
C VAL A 298 -10.46 13.00 21.65
N ARG A 299 -10.24 13.58 20.48
CA ARG A 299 -9.10 13.21 19.68
C ARG A 299 -7.82 13.62 20.41
N SER A 300 -6.73 12.90 20.13
CA SER A 300 -5.52 13.07 20.92
C SER A 300 -5.06 14.52 20.92
N SER A 301 -5.22 15.21 19.80
CA SER A 301 -4.79 16.59 19.68
C SER A 301 -5.70 17.55 20.44
N GLU A 302 -6.88 17.11 20.87
CA GLU A 302 -7.83 17.93 21.61
C GLU A 302 -7.80 17.71 23.12
N GLU A 303 -7.00 16.77 23.62
CA GLU A 303 -7.03 16.48 25.05
C GLU A 303 -6.56 17.67 25.87
N GLU A 304 -5.72 18.53 25.28
CA GLU A 304 -5.22 19.70 25.99
C GLU A 304 -6.36 20.56 26.53
N LYS A 305 -7.47 20.63 25.78
CA LYS A 305 -8.49 21.64 25.99
C LYS A 305 -9.49 21.27 27.08
N LEU A 306 -9.51 20.02 27.51
CA LEU A 306 -10.39 19.65 28.61
C LEU A 306 -9.84 20.25 29.91
N PRO A 307 -10.70 20.48 30.91
CA PRO A 307 -10.22 21.10 32.15
C PRO A 307 -9.18 20.21 32.80
N SER A 308 -8.19 20.84 33.43
CA SER A 308 -7.15 20.06 34.09
C SER A 308 -7.77 19.24 35.21
N GLY A 309 -7.38 17.98 35.28
CA GLY A 309 -7.98 17.03 36.20
C GLY A 309 -9.28 16.40 35.76
N PHE A 310 -9.73 16.59 34.52
CA PHE A 310 -11.03 16.05 34.15
C PHE A 310 -10.98 14.54 33.93
N LEU A 311 -9.97 14.05 33.22
CA LEU A 311 -9.96 12.65 32.79
C LEU A 311 -9.72 11.69 33.95
N GLU A 312 -9.61 12.24 35.15
CA GLU A 312 -9.46 11.48 36.38
C GLU A 312 -10.67 11.60 37.31
N THR A 313 -11.41 12.71 37.23
CA THR A 313 -12.69 12.82 37.92
C THR A 313 -13.84 12.21 37.15
N VAL A 314 -13.59 11.67 35.94
CA VAL A 314 -14.63 10.92 35.27
C VAL A 314 -15.08 9.80 36.19
N ASN A 315 -16.36 9.44 36.13
CA ASN A 315 -16.86 8.29 36.87
C ASN A 315 -16.73 7.08 35.96
N LYS A 316 -15.83 6.17 36.30
CA LYS A 316 -15.49 5.10 35.35
C LYS A 316 -16.51 3.97 35.38
N GLU A 317 -17.43 3.98 36.34
CA GLU A 317 -18.57 3.06 36.30
C GLU A 317 -19.49 3.39 35.14
N LYS A 318 -19.90 4.66 35.03
CA LYS A 318 -20.94 5.04 34.08
C LYS A 318 -20.42 5.69 32.80
N SER A 319 -19.13 5.98 32.69
CA SER A 319 -18.67 6.80 31.58
C SER A 319 -17.24 6.44 31.19
N LEU A 320 -16.88 6.84 29.97
CA LEU A 320 -15.62 6.44 29.35
C LEU A 320 -15.23 7.49 28.31
N VAL A 321 -13.93 7.78 28.19
CA VAL A 321 -13.42 8.72 27.21
C VAL A 321 -12.45 8.00 26.28
N LEU A 322 -12.56 8.25 24.98
CA LEU A 322 -11.73 7.61 23.98
C LEU A 322 -11.03 8.64 23.10
N LYS A 323 -9.94 8.20 22.48
CA LYS A 323 -9.26 8.98 21.45
C LYS A 323 -9.95 8.84 20.10
N TRP A 324 -10.60 7.71 19.87
CA TRP A 324 -11.29 7.43 18.63
C TRP A 324 -12.16 6.21 18.85
N SER A 325 -13.33 6.19 18.22
CA SER A 325 -14.29 5.13 18.47
C SER A 325 -14.50 4.27 17.23
N PRO A 326 -14.94 2.98 17.41
CA PRO A 326 -15.52 2.24 16.27
C PRO A 326 -16.96 2.72 16.08
N GLN A 327 -17.13 3.86 15.38
CA GLN A 327 -18.40 4.59 15.50
C GLN A 327 -19.58 3.79 15.00
N LEU A 328 -19.37 2.96 13.98
CA LEU A 328 -20.46 2.14 13.46
C LEU A 328 -20.95 1.18 14.53
N GLN A 329 -20.02 0.45 15.18
CA GLN A 329 -20.41 -0.48 16.22
C GLN A 329 -20.97 0.24 17.44
N VAL A 330 -20.46 1.44 17.73
CA VAL A 330 -21.02 2.22 18.83
C VAL A 330 -22.48 2.56 18.54
N LEU A 331 -22.76 3.08 17.34
CA LEU A 331 -24.10 3.53 17.00
C LEU A 331 -25.09 2.39 16.83
N SER A 332 -24.61 1.18 16.53
CA SER A 332 -25.52 0.04 16.46
C SER A 332 -25.75 -0.63 17.81
N ASN A 333 -25.05 -0.19 18.85
CA ASN A 333 -25.18 -0.78 20.18
C ASN A 333 -26.36 -0.16 20.93
N LYS A 334 -27.14 -1.01 21.58
CA LYS A 334 -28.40 -0.51 22.15
C LYS A 334 -28.24 0.11 23.53
N ALA A 335 -27.01 0.18 24.05
CA ALA A 335 -26.77 1.01 25.22
C ALA A 335 -26.84 2.49 24.91
N ILE A 336 -26.77 2.86 23.63
CA ILE A 336 -26.72 4.26 23.24
C ILE A 336 -28.11 4.87 23.37
N GLY A 337 -28.20 5.95 24.16
CA GLY A 337 -29.45 6.67 24.31
C GLY A 337 -29.62 7.76 23.27
N CYS A 338 -28.55 8.48 22.97
CA CYS A 338 -28.59 9.51 21.95
C CYS A 338 -27.16 9.90 21.57
N PHE A 339 -27.07 10.65 20.48
CA PHE A 339 -25.80 10.94 19.83
C PHE A 339 -25.66 12.45 19.82
N LEU A 340 -24.75 12.97 20.64
CA LEU A 340 -24.39 14.39 20.62
C LEU A 340 -23.32 14.53 19.56
N THR A 341 -23.67 15.17 18.44
CA THR A 341 -22.94 15.11 17.18
C THR A 341 -22.67 16.53 16.67
N HIS A 342 -21.56 16.64 15.93
CA HIS A 342 -21.26 17.86 15.19
C HIS A 342 -22.03 17.95 13.88
N CYS A 343 -22.77 16.89 13.52
CA CYS A 343 -23.60 16.84 12.33
C CYS A 343 -22.78 16.81 11.04
N GLY A 344 -21.56 16.25 11.08
CA GLY A 344 -20.93 15.84 9.85
C GLY A 344 -21.83 14.85 9.14
N TRP A 345 -21.78 14.85 7.80
CA TRP A 345 -22.79 14.14 7.04
C TRP A 345 -22.70 12.63 7.23
N ASN A 346 -21.49 12.05 7.27
CA ASN A 346 -21.38 10.62 7.50
C ASN A 346 -21.99 10.26 8.85
N SER A 347 -21.62 11.01 9.90
CA SER A 347 -22.16 10.70 11.22
C SER A 347 -23.66 10.89 11.27
N THR A 348 -24.19 11.89 10.55
CA THR A 348 -25.64 12.10 10.50
C THR A 348 -26.33 10.89 9.87
N MET A 349 -25.85 10.49 8.69
CA MET A 349 -26.48 9.39 7.98
C MET A 349 -26.32 8.08 8.73
N GLU A 350 -25.21 7.92 9.44
CA GLU A 350 -25.03 6.74 10.27
C GLU A 350 -26.02 6.74 11.43
N ALA A 351 -26.20 7.91 12.06
CA ALA A 351 -27.15 8.00 13.16
C ALA A 351 -28.57 7.76 12.67
N LEU A 352 -28.89 8.26 11.48
CA LEU A 352 -30.25 8.10 10.93
C LEU A 352 -30.55 6.65 10.61
N THR A 353 -29.63 5.97 9.90
CA THR A 353 -29.89 4.59 9.52
C THR A 353 -29.86 3.66 10.72
N PHE A 354 -29.11 4.00 11.77
CA PHE A 354 -29.13 3.15 12.96
C PHE A 354 -30.25 3.50 13.94
N GLY A 355 -31.02 4.57 13.72
CA GLY A 355 -32.11 4.84 14.64
C GLY A 355 -31.69 5.46 15.96
N VAL A 356 -30.66 6.29 15.97
CA VAL A 356 -30.18 6.95 17.17
C VAL A 356 -30.57 8.43 17.09
N PRO A 357 -31.46 8.91 17.95
CA PRO A 357 -31.82 10.33 17.95
C PRO A 357 -30.64 11.20 18.36
N MET A 358 -30.59 12.40 17.81
CA MET A 358 -29.40 13.24 17.92
C MET A 358 -29.64 14.54 18.69
N VAL A 359 -28.61 14.98 19.41
CA VAL A 359 -28.46 16.36 19.83
C VAL A 359 -27.45 17.00 18.88
N ALA A 360 -27.95 17.84 17.98
CA ALA A 360 -27.13 18.44 16.92
C ALA A 360 -26.36 19.62 17.49
N MET A 361 -25.03 19.62 17.33
CA MET A 361 -24.16 20.70 17.80
C MET A 361 -23.23 21.07 16.63
N PRO A 362 -23.80 21.64 15.56
CA PRO A 362 -22.99 21.88 14.36
C PRO A 362 -21.88 22.87 14.67
N GLN A 363 -20.74 22.70 14.01
CA GLN A 363 -19.62 23.61 14.21
C GLN A 363 -19.36 24.54 13.03
N TRP A 364 -19.32 24.01 11.82
CA TRP A 364 -19.04 24.85 10.65
C TRP A 364 -19.37 24.07 9.39
N THR A 365 -18.91 24.58 8.24
CA THR A 365 -19.19 24.11 6.89
C THR A 365 -20.65 23.65 6.73
N ASP A 366 -20.92 22.43 6.26
CA ASP A 366 -22.30 22.05 5.98
C ASP A 366 -23.07 21.61 7.22
N GLN A 367 -22.44 21.56 8.38
CA GLN A 367 -23.09 21.05 9.58
C GLN A 367 -24.38 21.81 9.95
N PRO A 368 -24.46 23.14 9.88
CA PRO A 368 -25.77 23.80 10.21
C PRO A 368 -26.93 23.33 9.34
N MET A 369 -26.70 23.04 8.06
CA MET A 369 -27.78 22.50 7.24
C MET A 369 -28.23 21.14 7.77
N ASN A 370 -27.27 20.26 8.05
CA ASN A 370 -27.64 18.94 8.54
C ASN A 370 -28.35 19.04 9.88
N ALA A 371 -27.92 19.97 10.73
CA ALA A 371 -28.61 20.22 11.98
C ALA A 371 -30.05 20.63 11.75
N LYS A 372 -30.29 21.46 10.73
CA LYS A 372 -31.65 21.91 10.48
C LYS A 372 -32.53 20.75 10.00
N TYR A 373 -32.00 19.90 9.11
CA TYR A 373 -32.80 18.76 8.65
C TYR A 373 -33.02 17.76 9.77
N ILE A 374 -32.00 17.54 10.61
CA ILE A 374 -32.15 16.65 11.75
C ILE A 374 -33.32 17.09 12.62
N GLN A 375 -33.39 18.39 12.94
CA GLN A 375 -34.40 18.82 13.91
C GLN A 375 -35.76 19.01 13.27
N ASP A 376 -35.82 19.65 12.10
CA ASP A 376 -37.10 20.13 11.58
C ASP A 376 -37.64 19.36 10.38
N VAL A 377 -36.84 18.57 9.69
CA VAL A 377 -37.29 17.84 8.51
C VAL A 377 -37.46 16.37 8.83
N TRP A 378 -36.35 15.68 9.15
CA TRP A 378 -36.37 14.30 9.64
C TRP A 378 -36.97 14.19 11.03
N LYS A 379 -36.97 15.28 11.80
CA LYS A 379 -37.47 15.26 13.19
C LYS A 379 -36.85 14.12 13.98
N ALA A 380 -35.54 13.96 13.83
CA ALA A 380 -34.78 12.91 14.48
C ALA A 380 -33.87 13.42 15.59
N GLY A 381 -34.02 14.68 16.00
CA GLY A 381 -33.13 15.24 17.00
C GLY A 381 -33.49 16.68 17.27
N VAL A 382 -32.71 17.32 18.14
CA VAL A 382 -32.89 18.75 18.44
C VAL A 382 -31.54 19.45 18.32
N ARG A 383 -31.59 20.72 17.94
CA ARG A 383 -30.38 21.52 17.81
C ARG A 383 -30.14 22.28 19.10
N VAL A 384 -28.91 22.22 19.61
CA VAL A 384 -28.59 22.97 20.84
C VAL A 384 -28.69 24.46 20.60
N LYS A 385 -29.26 25.16 21.55
CA LYS A 385 -29.29 26.62 21.53
C LYS A 385 -27.90 27.16 21.85
N THR A 386 -27.37 28.01 21.00
CA THR A 386 -26.08 28.64 21.24
C THR A 386 -26.31 30.11 21.58
N GLU A 387 -25.55 30.61 22.56
CA GLU A 387 -25.61 32.02 22.87
C GLU A 387 -24.95 32.83 21.77
N LYS A 388 -25.54 33.97 21.44
CA LYS A 388 -25.18 34.68 20.22
C LYS A 388 -23.98 35.62 20.36
N GLU A 389 -23.64 36.05 21.57
CA GLU A 389 -22.41 36.82 21.77
C GLU A 389 -21.17 35.97 21.53
N SER A 390 -21.30 34.65 21.63
CA SER A 390 -20.15 33.75 21.65
C SER A 390 -20.13 32.75 20.51
N GLY A 391 -21.28 32.27 20.05
CA GLY A 391 -21.31 31.09 19.21
C GLY A 391 -21.17 29.81 20.00
N ILE A 392 -21.11 29.90 21.32
CA ILE A 392 -20.81 28.81 22.22
C ILE A 392 -22.11 28.26 22.79
N ALA A 393 -22.14 26.95 23.02
CA ALA A 393 -23.24 26.31 23.74
C ALA A 393 -22.90 26.28 25.22
N LYS A 394 -23.77 26.87 26.04
CA LYS A 394 -23.63 26.83 27.48
C LYS A 394 -24.06 25.46 28.00
N ARG A 395 -23.47 25.05 29.13
CA ARG A 395 -23.74 23.74 29.68
C ARG A 395 -25.23 23.52 29.97
N GLU A 396 -25.94 24.59 30.39
CA GLU A 396 -27.36 24.39 30.70
C GLU A 396 -28.18 24.09 29.45
N GLU A 397 -27.82 24.68 28.32
CA GLU A 397 -28.53 24.37 27.08
C GLU A 397 -28.15 22.99 26.56
N ILE A 398 -26.88 22.61 26.68
CA ILE A 398 -26.48 21.27 26.26
C ILE A 398 -27.23 20.22 27.07
N GLU A 399 -27.33 20.46 28.38
CA GLU A 399 -28.05 19.53 29.25
C GLU A 399 -29.53 19.49 28.91
N PHE A 400 -30.14 20.64 28.63
CA PHE A 400 -31.55 20.64 28.27
C PHE A 400 -31.79 19.85 27.00
N SER A 401 -30.92 20.00 26.00
CA SER A 401 -31.10 19.30 24.74
C SER A 401 -30.95 17.79 24.90
N ILE A 402 -29.98 17.36 25.72
CA ILE A 402 -29.79 15.94 25.94
C ILE A 402 -31.05 15.33 26.55
N LYS A 403 -31.57 15.97 27.61
CA LYS A 403 -32.73 15.43 28.30
C LYS A 403 -33.96 15.43 27.40
N GLU A 404 -34.07 16.44 26.52
CA GLU A 404 -35.21 16.45 25.60
C GLU A 404 -35.16 15.25 24.66
N VAL A 405 -33.96 14.81 24.29
CA VAL A 405 -33.88 13.63 23.45
C VAL A 405 -33.93 12.34 24.30
N MET A 406 -33.40 12.39 25.52
CA MET A 406 -33.36 11.21 26.38
C MET A 406 -34.71 10.86 27.02
N GLU A 407 -35.57 11.84 27.32
CA GLU A 407 -36.67 11.55 28.25
C GLU A 407 -37.97 12.34 28.13
N GLY A 408 -37.98 13.46 27.41
CA GLY A 408 -39.18 14.27 27.35
C GLY A 408 -40.34 13.58 26.63
N GLU A 409 -41.37 14.38 26.32
CA GLU A 409 -42.47 13.82 25.56
C GLU A 409 -42.11 13.66 24.09
N ARG A 410 -41.45 14.66 23.50
CA ARG A 410 -41.06 14.49 22.09
C ARG A 410 -39.95 13.47 21.94
N SER A 411 -39.29 13.09 23.03
CA SER A 411 -38.28 12.03 22.98
C SER A 411 -38.86 10.74 22.41
N LYS A 412 -40.02 10.31 22.92
CA LYS A 412 -40.62 9.08 22.41
C LYS A 412 -41.02 9.23 20.95
N GLU A 413 -41.49 10.41 20.54
CA GLU A 413 -41.87 10.58 19.14
C GLU A 413 -40.65 10.57 18.22
N MET A 414 -39.53 11.18 18.67
CA MET A 414 -38.32 11.19 17.86
C MET A 414 -37.73 9.80 17.68
N LYS A 415 -37.93 8.89 18.65
CA LYS A 415 -37.34 7.56 18.48
C LYS A 415 -38.03 6.80 17.35
N LYS A 416 -39.36 6.82 17.32
CA LYS A 416 -40.04 6.13 16.22
C LYS A 416 -39.79 6.81 14.87
N ASN A 417 -39.64 8.13 14.84
CA ASN A 417 -39.45 8.80 13.57
C ASN A 417 -38.11 8.43 12.94
N VAL A 418 -37.08 8.24 13.76
CA VAL A 418 -35.77 7.91 13.21
C VAL A 418 -35.67 6.42 12.88
N LYS A 419 -36.56 5.57 13.40
CA LYS A 419 -36.41 4.15 13.10
C LYS A 419 -36.88 3.79 11.69
N LYS A 420 -37.57 4.72 11.01
CA LYS A 420 -38.01 4.47 9.65
C LYS A 420 -36.86 4.41 8.65
N TRP A 421 -35.73 5.08 8.94
CA TRP A 421 -34.72 5.25 7.89
C TRP A 421 -34.00 3.95 7.56
N ARG A 422 -33.88 3.04 8.52
CA ARG A 422 -33.15 1.82 8.23
C ARG A 422 -33.75 1.10 7.03
N ASP A 423 -35.06 0.80 7.09
CA ASP A 423 -35.68 0.02 6.02
C ASP A 423 -35.71 0.78 4.71
N LEU A 424 -35.75 2.11 4.74
CA LEU A 424 -35.67 2.88 3.50
C LEU A 424 -34.27 2.81 2.88
N ALA A 425 -33.23 2.86 3.69
CA ALA A 425 -31.89 2.67 3.14
C ALA A 425 -31.71 1.26 2.63
N VAL A 426 -32.19 0.26 3.39
CA VAL A 426 -32.07 -1.13 2.96
C VAL A 426 -32.81 -1.34 1.64
N LYS A 427 -34.01 -0.79 1.54
CA LYS A 427 -34.77 -0.90 0.29
C LYS A 427 -34.01 -0.26 -0.85
N SER A 428 -33.39 0.91 -0.60
CA SER A 428 -32.69 1.61 -1.66
C SER A 428 -31.47 0.82 -2.16
N LEU A 429 -30.79 0.07 -1.28
CA LEU A 429 -29.60 -0.69 -1.67
C LEU A 429 -29.94 -2.04 -2.29
N ASN A 430 -31.12 -2.58 -1.99
CA ASN A 430 -31.54 -3.87 -2.55
C ASN A 430 -31.95 -3.72 -4.02
N GLU A 431 -32.17 -4.86 -4.67
CA GLU A 431 -32.48 -4.88 -6.09
C GLU A 431 -33.67 -3.99 -6.40
N GLY A 432 -33.55 -3.20 -7.46
CA GLY A 432 -34.64 -2.35 -7.87
C GLY A 432 -34.82 -1.09 -7.05
N GLY A 433 -34.03 -0.89 -6.00
CA GLY A 433 -34.09 0.34 -5.24
C GLY A 433 -33.46 1.48 -6.02
N SER A 434 -33.70 2.71 -5.54
CA SER A 434 -33.23 3.89 -6.26
C SER A 434 -31.71 3.94 -6.33
N THR A 435 -31.02 3.67 -5.22
CA THR A 435 -29.55 3.70 -5.26
C THR A 435 -29.01 2.55 -6.08
N ASP A 436 -29.55 1.34 -5.88
CA ASP A 436 -29.07 0.18 -6.62
C ASP A 436 -29.27 0.37 -8.13
N THR A 437 -30.35 1.04 -8.51
CA THR A 437 -30.59 1.33 -9.92
C THR A 437 -29.63 2.38 -10.44
N ASN A 438 -29.38 3.42 -9.63
CA ASN A 438 -28.46 4.48 -10.02
C ASN A 438 -27.03 3.97 -10.12
N ILE A 439 -26.63 3.04 -9.24
CA ILE A 439 -25.32 2.42 -9.41
C ILE A 439 -25.27 1.67 -10.74
N ASP A 440 -26.35 0.97 -11.10
CA ASP A 440 -26.34 0.25 -12.38
C ASP A 440 -26.26 1.20 -13.57
N THR A 441 -26.94 2.35 -13.48
CA THR A 441 -26.83 3.36 -14.53
C THR A 441 -25.37 3.80 -14.72
N PHE A 442 -24.68 4.07 -13.61
CA PHE A 442 -23.28 4.47 -13.69
C PHE A 442 -22.42 3.34 -14.23
N VAL A 443 -22.62 2.12 -13.73
CA VAL A 443 -21.76 1.02 -14.15
C VAL A 443 -21.95 0.72 -15.62
N SER A 444 -23.19 0.85 -16.12
CA SER A 444 -23.45 0.58 -17.53
C SER A 444 -22.65 1.54 -18.40
N ARG A 445 -22.67 2.83 -18.04
CA ARG A 445 -21.97 3.84 -18.83
C ARG A 445 -20.46 3.64 -18.79
N VAL A 446 -19.91 3.16 -17.67
CA VAL A 446 -18.46 3.08 -17.52
C VAL A 446 -17.89 1.97 -18.40
N MET B 1 -7.60 -10.70 17.45
CA MET B 1 -6.21 -10.87 17.00
C MET B 1 -5.21 -9.87 17.65
N GLU B 2 -4.07 -10.37 18.13
CA GLU B 2 -3.06 -9.60 18.86
C GLU B 2 -1.67 -10.05 18.42
N HIS B 3 -0.69 -9.14 18.51
CA HIS B 3 0.70 -9.51 18.30
C HIS B 3 1.60 -8.84 19.34
N LYS B 4 2.72 -9.52 19.67
CA LYS B 4 3.67 -9.01 20.64
C LYS B 4 4.47 -7.85 20.04
N ARG B 5 5.41 -7.36 20.83
CA ARG B 5 5.92 -5.99 20.78
C ARG B 5 6.63 -5.65 19.46
N GLY B 6 7.35 -6.60 18.86
CA GLY B 6 8.28 -6.24 17.78
C GLY B 6 7.60 -5.81 16.50
N HIS B 7 8.30 -4.97 15.72
CA HIS B 7 7.81 -4.47 14.43
C HIS B 7 9.02 -4.09 13.56
N VAL B 8 9.29 -4.90 12.52
CA VAL B 8 10.41 -4.68 11.59
C VAL B 8 9.93 -3.83 10.41
N LEU B 9 10.67 -2.77 10.13
CA LEU B 9 10.56 -2.07 8.86
C LEU B 9 11.69 -2.56 7.96
N ALA B 10 11.31 -3.22 6.87
CA ALA B 10 12.23 -3.86 5.93
C ALA B 10 12.42 -2.97 4.71
N VAL B 11 13.69 -2.68 4.37
CA VAL B 11 13.97 -1.67 3.34
C VAL B 11 14.86 -2.27 2.25
N PRO B 12 14.31 -2.95 1.26
CA PRO B 12 15.15 -3.49 0.18
C PRO B 12 15.63 -2.42 -0.78
N TYR B 13 16.77 -2.70 -1.42
CA TYR B 13 17.12 -1.97 -2.61
C TYR B 13 16.01 -2.16 -3.64
N PRO B 14 15.55 -1.05 -4.35
CA PRO B 14 14.30 -1.13 -5.17
C PRO B 14 14.50 -1.81 -6.52
N SER B 15 14.74 -3.12 -6.46
CA SER B 15 14.87 -3.94 -7.65
C SER B 15 14.32 -5.29 -7.29
N GLN B 16 14.02 -6.09 -8.30
CA GLN B 16 13.31 -7.35 -8.10
C GLN B 16 14.13 -8.34 -7.30
N GLY B 17 15.43 -8.37 -7.53
CA GLY B 17 16.25 -9.37 -6.88
C GLY B 17 16.58 -9.07 -5.44
N HIS B 18 16.20 -7.88 -4.98
CA HIS B 18 16.32 -7.51 -3.57
C HIS B 18 14.96 -7.47 -2.87
N ILE B 19 13.92 -6.99 -3.54
CA ILE B 19 12.58 -6.99 -2.92
C ILE B 19 12.11 -8.41 -2.64
N THR B 20 12.40 -9.34 -3.56
CA THR B 20 11.98 -10.72 -3.37
C THR B 20 12.60 -11.39 -2.14
N PRO B 21 13.93 -11.44 -1.96
CA PRO B 21 14.44 -12.02 -0.70
C PRO B 21 13.94 -11.30 0.54
N PHE B 22 13.73 -9.98 0.46
CA PHE B 22 13.24 -9.23 1.63
C PHE B 22 11.80 -9.61 1.96
N ARG B 23 10.94 -9.67 0.95
CA ARG B 23 9.56 -10.08 1.16
C ARG B 23 9.51 -11.49 1.73
N GLN B 24 10.28 -12.42 1.16
CA GLN B 24 10.25 -13.80 1.63
C GLN B 24 10.70 -13.88 3.08
N PHE B 25 11.75 -13.14 3.43
CA PHE B 25 12.19 -13.14 4.83
C PHE B 25 11.10 -12.58 5.73
N CYS B 26 10.37 -11.56 5.27
CA CYS B 26 9.27 -11.05 6.10
C CYS B 26 8.18 -12.11 6.32
N LYS B 27 7.96 -13.02 5.34
CA LYS B 27 7.02 -14.12 5.53
C LYS B 27 7.49 -15.08 6.63
N ARG B 28 8.79 -15.39 6.68
CA ARG B 28 9.29 -16.23 7.77
C ARG B 28 9.11 -15.53 9.12
N LEU B 29 9.45 -14.24 9.17
CA LEU B 29 9.30 -13.50 10.42
C LEU B 29 7.85 -13.43 10.86
N HIS B 30 6.93 -13.26 9.90
CA HIS B 30 5.52 -13.23 10.30
C HIS B 30 5.09 -14.58 10.85
N PHE B 31 5.58 -15.67 10.26
CA PHE B 31 5.24 -16.99 10.74
C PHE B 31 5.74 -17.19 12.16
N LYS B 32 6.85 -16.51 12.52
CA LYS B 32 7.44 -16.64 13.85
C LYS B 32 6.87 -15.64 14.85
N GLY B 33 5.93 -14.79 14.43
CA GLY B 33 5.26 -13.82 15.31
C GLY B 33 5.68 -12.37 15.18
N LEU B 34 6.63 -12.03 14.31
CA LEU B 34 7.11 -10.66 14.18
C LEU B 34 6.25 -9.90 13.17
N LYS B 35 5.72 -8.74 13.58
CA LYS B 35 5.07 -7.87 12.60
C LYS B 35 6.13 -7.29 11.66
N THR B 36 5.78 -7.14 10.37
CA THR B 36 6.69 -6.55 9.41
C THR B 36 5.94 -5.58 8.51
N THR B 37 6.60 -4.48 8.17
CA THR B 37 6.19 -3.56 7.12
C THR B 37 7.30 -3.48 6.08
N LEU B 38 6.95 -3.65 4.82
CA LEU B 38 7.92 -3.54 3.73
C LEU B 38 7.87 -2.14 3.14
N ALA B 39 9.03 -1.48 3.11
CA ALA B 39 9.11 -0.13 2.54
C ALA B 39 9.42 -0.24 1.05
N LEU B 40 8.52 0.23 0.20
CA LEU B 40 8.77 0.25 -1.23
C LEU B 40 8.88 1.70 -1.68
N THR B 41 9.71 1.95 -2.70
CA THR B 41 9.71 3.30 -3.24
C THR B 41 8.37 3.58 -3.93
N THR B 42 8.00 4.86 -3.95
CA THR B 42 6.73 5.26 -4.58
C THR B 42 6.66 4.79 -6.02
N PHE B 43 7.74 4.94 -6.77
CA PHE B 43 7.72 4.49 -8.16
C PHE B 43 7.47 3.01 -8.26
N VAL B 44 8.16 2.21 -7.44
CA VAL B 44 7.95 0.78 -7.51
C VAL B 44 6.54 0.42 -7.06
N PHE B 45 6.06 1.06 -6.00
CA PHE B 45 4.72 0.76 -5.49
C PHE B 45 3.66 1.03 -6.55
N ASN B 46 3.78 2.14 -7.26
CA ASN B 46 2.80 2.47 -8.28
C ASN B 46 2.98 1.64 -9.54
N SER B 47 4.08 0.93 -9.70
CA SER B 47 4.20 0.05 -10.86
C SER B 47 3.76 -1.38 -10.55
N ILE B 48 3.76 -1.80 -9.29
CA ILE B 48 3.31 -3.14 -8.97
C ILE B 48 1.79 -3.18 -8.79
N ASN B 49 1.23 -2.13 -8.19
CA ASN B 49 -0.14 -2.13 -7.71
C ASN B 49 -0.40 -3.36 -6.83
N PRO B 50 0.30 -3.49 -5.71
CA PRO B 50 0.24 -4.72 -4.94
C PRO B 50 -1.07 -4.84 -4.18
N ASP B 51 -1.38 -6.08 -3.78
CA ASP B 51 -2.48 -6.30 -2.85
C ASP B 51 -2.05 -5.88 -1.46
N LEU B 52 -2.77 -4.92 -0.88
CA LEU B 52 -2.51 -4.52 0.49
C LEU B 52 -3.13 -5.48 1.49
N SER B 53 -4.09 -6.31 1.06
CA SER B 53 -4.49 -7.47 1.85
C SER B 53 -3.37 -8.50 1.80
N GLY B 54 -3.03 -9.04 2.96
CA GLY B 54 -1.91 -9.96 3.06
C GLY B 54 -1.10 -9.71 4.31
N PRO B 55 -0.33 -10.72 4.76
CA PRO B 55 0.36 -10.62 6.06
C PRO B 55 1.37 -9.47 6.17
N ILE B 56 2.03 -9.08 5.09
CA ILE B 56 3.13 -8.11 5.13
C ILE B 56 2.59 -6.76 4.64
N SER B 57 2.48 -5.78 5.55
CA SER B 57 2.02 -4.43 5.25
C SER B 57 3.03 -3.64 4.41
N ILE B 58 2.59 -2.57 3.76
CA ILE B 58 3.44 -1.82 2.84
C ILE B 58 3.42 -0.33 3.19
N ALA B 59 4.61 0.28 3.23
CA ALA B 59 4.77 1.72 3.37
C ALA B 59 5.57 2.24 2.18
N THR B 60 5.38 3.49 1.79
CA THR B 60 6.13 3.99 0.66
C THR B 60 7.20 4.95 1.15
N ILE B 61 8.34 4.93 0.49
CA ILE B 61 9.43 5.84 0.72
C ILE B 61 9.79 6.46 -0.62
N SER B 62 10.72 7.40 -0.61
CA SER B 62 11.14 8.02 -1.85
C SER B 62 12.63 7.82 -2.09
N ASP B 63 12.97 7.50 -3.34
CA ASP B 63 14.34 7.55 -3.83
C ASP B 63 14.64 8.88 -4.50
N GLY B 64 13.71 9.82 -4.44
CA GLY B 64 13.83 11.05 -5.20
C GLY B 64 13.36 10.98 -6.65
N TYR B 65 12.82 9.86 -7.10
CA TYR B 65 12.39 9.69 -8.50
C TYR B 65 11.01 9.04 -8.50
N ASP B 66 10.07 9.67 -7.79
CA ASP B 66 8.75 9.06 -7.59
C ASP B 66 8.01 8.87 -8.91
N HIS B 67 8.11 9.85 -9.82
CA HIS B 67 7.32 9.84 -11.05
C HIS B 67 7.79 8.76 -12.02
N GLY B 68 9.11 8.69 -12.25
CA GLY B 68 9.67 7.80 -13.26
C GLY B 68 10.66 6.76 -12.77
N GLY B 69 11.05 6.83 -11.51
CA GLY B 69 12.01 5.82 -11.09
C GLY B 69 13.44 5.98 -11.62
N PHE B 70 14.18 4.86 -11.58
CA PHE B 70 15.62 4.89 -11.85
C PHE B 70 15.94 5.41 -13.25
N GLU B 71 15.12 5.08 -14.26
CA GLU B 71 15.47 5.49 -15.62
C GLU B 71 15.44 6.99 -15.80
N THR B 72 14.77 7.73 -14.90
CA THR B 72 14.74 9.18 -15.02
C THR B 72 15.91 9.84 -14.28
N ALA B 73 16.84 9.07 -13.76
CA ALA B 73 17.98 9.64 -13.07
C ALA B 73 19.09 9.91 -14.07
N ASP B 74 19.80 11.03 -13.89
CA ASP B 74 20.86 11.32 -14.83
C ASP B 74 21.91 10.21 -14.85
N SER B 75 22.17 9.58 -13.71
CA SER B 75 23.32 8.68 -13.58
C SER B 75 23.13 7.82 -12.34
N ILE B 76 23.84 6.69 -12.28
CA ILE B 76 23.76 5.87 -11.07
C ILE B 76 24.20 6.67 -9.85
N ASP B 77 25.29 7.45 -9.98
CA ASP B 77 25.75 8.24 -8.84
C ASP B 77 24.71 9.23 -8.35
N ASP B 78 24.01 9.92 -9.28
CA ASP B 78 22.96 10.83 -8.82
C ASP B 78 21.80 10.05 -8.19
N TYR B 79 21.50 8.87 -8.72
CA TYR B 79 20.41 8.08 -8.15
C TYR B 79 20.71 7.66 -6.71
N LEU B 80 21.88 7.07 -6.47
CA LEU B 80 22.24 6.60 -5.13
C LEU B 80 22.36 7.73 -4.12
N LYS B 81 22.84 8.90 -4.56
CA LYS B 81 22.96 10.04 -3.65
C LYS B 81 21.59 10.64 -3.34
N ASP B 82 20.71 10.70 -4.35
CA ASP B 82 19.38 11.20 -4.05
C ASP B 82 18.62 10.19 -3.19
N PHE B 83 18.82 8.88 -3.43
CA PHE B 83 18.15 7.89 -2.62
C PHE B 83 18.56 7.97 -1.15
N LYS B 84 19.86 8.17 -0.89
CA LYS B 84 20.28 8.40 0.49
C LYS B 84 19.56 9.59 1.10
N THR B 85 19.43 10.69 0.36
CA THR B 85 18.82 11.89 0.94
C THR B 85 17.33 11.68 1.14
N SER B 86 16.65 11.25 0.07
CA SER B 86 15.19 11.14 0.13
C SER B 86 14.79 9.95 0.95
N GLY B 87 15.56 8.86 0.84
CA GLY B 87 15.26 7.68 1.63
C GLY B 87 15.49 7.91 3.12
N SER B 88 16.54 8.68 3.47
CA SER B 88 16.77 8.94 4.89
C SER B 88 15.58 9.69 5.51
N LYS B 89 15.14 10.76 4.84
CA LYS B 89 13.98 11.51 5.32
C LYS B 89 12.70 10.66 5.37
N THR B 90 12.45 9.85 4.32
CA THR B 90 11.14 9.20 4.26
C THR B 90 11.10 7.91 5.07
N ILE B 91 12.24 7.27 5.31
CA ILE B 91 12.26 6.22 6.34
C ILE B 91 12.04 6.83 7.73
N ALA B 92 12.62 8.02 7.98
CA ALA B 92 12.37 8.71 9.25
C ALA B 92 10.88 9.06 9.39
N ASP B 93 10.21 9.41 8.27
CA ASP B 93 8.77 9.71 8.31
C ASP B 93 7.98 8.48 8.72
N ILE B 94 8.29 7.32 8.17
CA ILE B 94 7.56 6.12 8.52
C ILE B 94 7.72 5.83 10.01
N ILE B 95 8.94 5.98 10.52
CA ILE B 95 9.16 5.73 11.94
C ILE B 95 8.34 6.70 12.78
N GLN B 96 8.41 8.00 12.47
CA GLN B 96 7.69 8.97 13.28
C GLN B 96 6.19 8.73 13.23
N LYS B 97 5.66 8.44 12.05
CA LYS B 97 4.22 8.21 11.92
C LYS B 97 3.77 6.99 12.70
N HIS B 98 4.63 6.00 12.91
CA HIS B 98 4.24 4.81 13.67
C HIS B 98 4.46 5.00 15.17
N GLN B 99 5.01 6.14 15.58
CA GLN B 99 5.37 6.33 16.98
C GLN B 99 4.16 6.25 17.91
N THR B 100 3.02 6.83 17.51
CA THR B 100 1.81 6.78 18.32
C THR B 100 0.84 5.74 17.76
N SER B 101 1.24 4.47 17.87
CA SER B 101 0.52 3.37 17.25
C SER B 101 0.57 2.16 18.19
N ASP B 102 -0.24 1.15 17.86
CA ASP B 102 -0.23 -0.08 18.66
C ASP B 102 1.13 -0.75 18.64
N ASN B 103 1.79 -0.74 17.50
CA ASN B 103 3.10 -1.37 17.31
C ASN B 103 4.01 -0.36 16.63
N PRO B 104 4.69 0.48 17.42
CA PRO B 104 5.72 1.34 16.83
C PRO B 104 6.82 0.50 16.19
N ILE B 105 7.46 1.05 15.17
CA ILE B 105 8.59 0.32 14.59
C ILE B 105 9.70 0.20 15.61
N THR B 106 10.27 -1.00 15.74
CA THR B 106 11.36 -1.24 16.66
C THR B 106 12.67 -1.65 15.98
N CYS B 107 12.65 -1.99 14.70
CA CYS B 107 13.87 -2.50 14.07
C CYS B 107 13.81 -2.17 12.58
N ILE B 108 14.96 -1.82 12.01
CA ILE B 108 15.10 -1.65 10.56
C ILE B 108 15.97 -2.77 10.03
N VAL B 109 15.43 -3.58 9.15
CA VAL B 109 16.22 -4.47 8.34
C VAL B 109 16.40 -3.76 7.02
N TYR B 110 17.61 -3.30 6.72
CA TYR B 110 17.84 -2.51 5.53
C TYR B 110 18.80 -3.25 4.61
N ASP B 111 18.66 -3.02 3.32
CA ASP B 111 19.58 -3.61 2.38
C ASP B 111 21.02 -3.19 2.70
N ALA B 112 21.94 -4.18 2.65
CA ALA B 112 23.36 -3.88 2.88
C ALA B 112 23.87 -2.85 1.89
N PHE B 113 23.29 -2.77 0.68
CA PHE B 113 23.68 -1.72 -0.26
C PHE B 113 23.42 -0.30 0.27
N LEU B 114 22.68 -0.14 1.37
CA LEU B 114 22.18 1.16 1.83
C LEU B 114 22.65 1.38 3.27
N PRO B 115 23.97 1.52 3.50
CA PRO B 115 24.46 1.61 4.88
C PRO B 115 23.95 2.81 5.62
N TRP B 116 23.50 3.84 4.90
CA TRP B 116 22.94 5.03 5.55
C TRP B 116 21.67 4.73 6.33
N ALA B 117 20.95 3.65 6.02
CA ALA B 117 19.79 3.35 6.84
C ALA B 117 20.17 3.04 8.27
N LEU B 118 21.38 2.49 8.50
CA LEU B 118 21.80 2.25 9.87
C LEU B 118 21.83 3.54 10.66
N ASP B 119 22.22 4.67 10.02
CA ASP B 119 22.18 5.94 10.74
C ASP B 119 20.74 6.35 11.06
N VAL B 120 19.80 6.13 10.14
CA VAL B 120 18.43 6.49 10.45
C VAL B 120 17.95 5.64 11.62
N ALA B 121 18.22 4.33 11.57
CA ALA B 121 17.75 3.44 12.63
C ALA B 121 18.35 3.82 13.99
N ARG B 122 19.65 4.14 13.99
CA ARG B 122 20.33 4.55 15.22
C ARG B 122 19.76 5.87 15.74
N GLU B 123 19.39 6.78 14.83
CA GLU B 123 18.85 8.07 15.29
C GLU B 123 17.58 7.88 16.12
N PHE B 124 16.75 6.91 15.79
CA PHE B 124 15.52 6.64 16.52
C PHE B 124 15.65 5.52 17.54
N GLY B 125 16.87 5.07 17.83
CA GLY B 125 17.09 4.11 18.90
C GLY B 125 16.60 2.72 18.57
N LEU B 126 16.58 2.34 17.30
CA LEU B 126 15.99 1.10 16.86
C LEU B 126 17.07 0.04 16.74
N VAL B 127 16.64 -1.22 16.73
CA VAL B 127 17.54 -2.29 16.30
C VAL B 127 17.86 -2.11 14.81
N ALA B 128 19.11 -2.39 14.44
CA ALA B 128 19.48 -2.15 13.06
C ALA B 128 20.29 -3.32 12.54
N THR B 129 19.98 -3.74 11.32
CA THR B 129 20.42 -5.00 10.78
C THR B 129 20.54 -4.92 9.26
N PRO B 130 21.77 -4.85 8.70
CA PRO B 130 21.90 -4.97 7.25
C PRO B 130 21.52 -6.37 6.80
N PHE B 131 21.03 -6.43 5.58
CA PHE B 131 20.61 -7.68 4.95
C PHE B 131 21.39 -7.76 3.66
N PHE B 132 22.30 -8.72 3.57
CA PHE B 132 23.11 -8.97 2.37
C PHE B 132 22.33 -9.95 1.51
N THR B 133 21.89 -9.50 0.34
CA THR B 133 21.14 -10.38 -0.55
C THR B 133 22.02 -11.26 -1.39
N GLN B 134 23.35 -11.09 -1.32
CA GLN B 134 24.33 -11.88 -2.07
C GLN B 134 25.12 -12.80 -1.13
N PRO B 135 25.70 -13.89 -1.64
CA PRO B 135 26.25 -14.93 -0.75
C PRO B 135 27.54 -14.52 -0.04
N CYS B 136 27.90 -15.33 0.96
CA CYS B 136 29.06 -15.03 1.80
C CYS B 136 30.36 -14.92 0.99
N ALA B 137 30.56 -15.80 0.01
CA ALA B 137 31.82 -15.79 -0.70
C ALA B 137 31.99 -14.47 -1.43
N VAL B 138 30.90 -13.95 -2.00
CA VAL B 138 30.98 -12.68 -2.70
C VAL B 138 31.23 -11.54 -1.73
N ASN B 139 30.48 -11.50 -0.62
CA ASN B 139 30.63 -10.41 0.33
C ASN B 139 31.96 -10.47 1.06
N TYR B 140 32.49 -11.66 1.31
CA TYR B 140 33.82 -11.72 1.90
C TYR B 140 34.84 -11.10 0.96
N VAL B 141 34.69 -11.36 -0.33
CA VAL B 141 35.64 -10.83 -1.29
C VAL B 141 35.51 -9.32 -1.36
N TYR B 142 34.28 -8.80 -1.36
CA TYR B 142 34.13 -7.36 -1.28
C TYR B 142 34.70 -6.85 0.03
N TYR B 143 34.46 -7.59 1.13
CA TYR B 143 35.02 -7.20 2.42
C TYR B 143 36.55 -7.13 2.37
N LEU B 144 37.18 -8.18 1.86
CA LEU B 144 38.64 -8.16 1.76
C LEU B 144 39.10 -6.97 0.92
N SER B 145 38.37 -6.68 -0.15
CA SER B 145 38.73 -5.54 -0.98
C SER B 145 38.54 -4.23 -0.21
N TYR B 146 37.45 -4.11 0.55
CA TYR B 146 37.19 -2.86 1.28
C TYR B 146 38.30 -2.56 2.30
N ILE B 147 38.82 -3.60 2.95
CA ILE B 147 39.92 -3.39 3.89
C ILE B 147 41.18 -3.00 3.14
N ASN B 148 41.33 -3.50 1.92
CA ASN B 148 42.52 -3.32 1.11
C ASN B 148 42.47 -2.05 0.26
N ASN B 149 41.78 -1.02 0.75
CA ASN B 149 41.67 0.25 0.02
C ASN B 149 41.06 0.05 -1.38
N GLY B 150 40.16 -0.90 -1.52
CA GLY B 150 39.41 -1.04 -2.75
C GLY B 150 40.08 -1.80 -3.86
N SER B 151 41.14 -2.56 -3.58
CA SER B 151 41.74 -3.41 -4.60
C SER B 151 41.89 -4.83 -4.06
N LEU B 152 42.14 -5.76 -4.99
CA LEU B 152 42.45 -7.13 -4.66
C LEU B 152 43.73 -7.54 -5.39
N GLN B 153 44.52 -8.39 -4.74
CA GLN B 153 45.74 -8.95 -5.32
C GLN B 153 45.66 -10.45 -5.23
N LEU B 154 45.71 -11.10 -6.35
CA LEU B 154 45.59 -12.55 -6.42
C LEU B 154 46.97 -13.24 -6.34
N PRO B 155 47.04 -14.47 -5.81
CA PRO B 155 45.90 -15.17 -5.20
C PRO B 155 45.43 -14.53 -3.90
N ILE B 156 44.13 -14.67 -3.62
CA ILE B 156 43.62 -14.39 -2.30
C ILE B 156 44.01 -15.55 -1.39
N GLU B 157 44.59 -15.23 -0.23
CA GLU B 157 45.24 -16.25 0.59
C GLU B 157 44.27 -17.36 0.96
N GLU B 158 43.15 -17.01 1.61
CA GLU B 158 42.20 -17.99 2.11
C GLU B 158 41.27 -18.51 1.02
N LEU B 159 41.29 -17.93 -0.18
CA LEU B 159 40.54 -18.44 -1.34
C LEU B 159 41.48 -18.49 -2.54
N PRO B 160 42.46 -19.40 -2.49
CA PRO B 160 43.57 -19.35 -3.48
C PRO B 160 43.15 -19.68 -4.89
N PHE B 161 41.99 -20.32 -5.06
CA PHE B 161 41.53 -20.76 -6.37
C PHE B 161 40.94 -19.65 -7.23
N LEU B 162 40.78 -18.43 -6.70
CA LEU B 162 40.10 -17.36 -7.42
C LEU B 162 41.06 -16.66 -8.37
N GLU B 163 40.76 -16.68 -9.66
CA GLU B 163 41.48 -15.94 -10.68
C GLU B 163 40.73 -14.64 -11.03
N LEU B 164 41.39 -13.77 -11.79
CA LEU B 164 40.79 -12.48 -12.13
C LEU B 164 39.46 -12.66 -12.85
N GLN B 165 39.33 -13.73 -13.64
CA GLN B 165 38.11 -14.05 -14.36
C GLN B 165 36.95 -14.35 -13.42
N ASP B 166 37.24 -14.72 -12.17
CA ASP B 166 36.23 -15.13 -11.21
C ASP B 166 35.83 -14.04 -10.22
N LEU B 167 36.60 -12.96 -10.15
CA LEU B 167 36.28 -11.87 -9.25
C LEU B 167 35.03 -11.14 -9.75
N PRO B 168 34.38 -10.37 -8.89
CA PRO B 168 33.25 -9.56 -9.37
C PRO B 168 33.71 -8.60 -10.46
N SER B 169 32.80 -8.33 -11.38
CA SER B 169 33.14 -7.63 -12.61
C SER B 169 33.88 -6.32 -12.36
N PHE B 170 33.66 -5.68 -11.21
CA PHE B 170 34.34 -4.42 -10.97
C PHE B 170 35.85 -4.58 -10.92
N PHE B 171 36.35 -5.76 -10.56
CA PHE B 171 37.79 -6.01 -10.50
C PHE B 171 38.35 -6.32 -11.88
N SER B 172 37.59 -7.04 -12.72
CA SER B 172 38.12 -7.40 -14.03
C SER B 172 37.77 -6.41 -15.14
N VAL B 173 36.69 -5.63 -15.01
CA VAL B 173 36.39 -4.61 -16.00
C VAL B 173 36.75 -3.25 -15.44
N SER B 174 38.00 -2.82 -15.63
CA SER B 174 38.54 -1.76 -14.79
C SER B 174 37.80 -0.45 -14.99
N GLY B 175 37.31 0.11 -13.89
CA GLY B 175 36.65 1.39 -13.88
C GLY B 175 35.17 1.41 -14.27
N SER B 176 34.58 0.27 -14.64
CA SER B 176 33.17 0.29 -15.01
C SER B 176 32.29 0.48 -13.79
N TYR B 177 31.20 1.23 -13.95
CA TYR B 177 30.21 1.45 -12.90
C TYR B 177 30.86 1.83 -11.57
N PRO B 178 31.64 2.90 -11.52
CA PRO B 178 32.30 3.27 -10.26
C PRO B 178 31.33 3.51 -9.12
N ALA B 179 30.13 4.00 -9.42
CA ALA B 179 29.21 4.27 -8.33
C ALA B 179 28.73 2.99 -7.66
N TYR B 180 28.50 1.91 -8.43
CA TYR B 180 28.13 0.64 -7.83
C TYR B 180 29.33 -0.06 -7.20
N PHE B 181 30.55 0.16 -7.71
CA PHE B 181 31.72 -0.43 -7.04
C PHE B 181 31.89 0.18 -5.66
N GLU B 182 31.77 1.50 -5.56
CA GLU B 182 31.85 2.15 -4.26
C GLU B 182 30.73 1.67 -3.35
N MET B 183 29.53 1.46 -3.93
CA MET B 183 28.39 0.96 -3.17
C MET B 183 28.68 -0.40 -2.55
N VAL B 184 29.18 -1.36 -3.35
CA VAL B 184 29.40 -2.70 -2.78
C VAL B 184 30.57 -2.70 -1.81
N LEU B 185 31.57 -1.83 -2.00
CA LEU B 185 32.63 -1.73 -0.99
C LEU B 185 32.11 -1.08 0.28
N GLN B 186 31.26 -0.07 0.14
CA GLN B 186 30.84 0.69 1.31
C GLN B 186 29.74 0.01 2.11
N GLN B 187 29.31 -1.19 1.72
CA GLN B 187 28.47 -2.00 2.59
C GLN B 187 29.12 -2.27 3.92
N PHE B 188 30.46 -2.25 3.99
CA PHE B 188 31.15 -2.58 5.23
C PHE B 188 31.60 -1.35 5.99
N ILE B 189 31.14 -0.16 5.57
CA ILE B 189 31.61 1.06 6.22
C ILE B 189 31.16 1.11 7.69
N ASN B 190 29.99 0.54 8.02
CA ASN B 190 29.51 0.58 9.40
C ASN B 190 28.84 -0.73 9.83
N PHE B 191 29.01 -1.83 9.07
CA PHE B 191 28.19 -3.03 9.34
C PHE B 191 28.59 -3.72 10.64
N GLU B 192 29.82 -3.48 11.13
CA GLU B 192 30.21 -4.01 12.43
C GLU B 192 29.44 -3.33 13.55
N LYS B 193 28.83 -2.18 13.31
CA LYS B 193 28.09 -1.50 14.38
C LYS B 193 26.64 -1.97 14.49
N ALA B 194 26.18 -2.81 13.57
CA ALA B 194 24.80 -3.29 13.58
C ALA B 194 24.56 -4.34 14.67
N ASP B 195 23.29 -4.48 15.09
CA ASP B 195 22.98 -5.51 16.07
C ASP B 195 23.26 -6.92 15.53
N PHE B 196 22.98 -7.15 14.24
CA PHE B 196 23.29 -8.43 13.58
C PHE B 196 23.57 -8.14 12.12
N VAL B 197 24.23 -9.08 11.44
CA VAL B 197 24.38 -9.02 9.98
C VAL B 197 23.66 -10.22 9.38
N LEU B 198 22.69 -9.96 8.50
CA LEU B 198 21.90 -11.01 7.88
C LEU B 198 22.39 -11.28 6.46
N VAL B 199 22.40 -12.56 6.08
CA VAL B 199 22.87 -12.99 4.76
C VAL B 199 21.81 -13.92 4.16
N ASN B 200 21.46 -13.69 2.89
CA ASN B 200 20.57 -14.63 2.18
C ASN B 200 21.37 -15.81 1.60
N SER B 201 21.71 -16.72 2.50
CA SER B 201 22.43 -17.93 2.16
C SER B 201 22.13 -18.93 3.28
N PHE B 202 22.62 -20.15 3.12
CA PHE B 202 22.60 -21.05 4.26
C PHE B 202 23.98 -21.61 4.53
N GLN B 203 24.24 -21.83 5.81
CA GLN B 203 25.57 -22.13 6.29
C GLN B 203 26.19 -23.29 5.55
N GLU B 204 25.40 -24.31 5.27
CA GLU B 204 25.96 -25.52 4.69
C GLU B 204 26.36 -25.32 3.23
N LEU B 205 25.93 -24.23 2.60
CA LEU B 205 26.32 -23.95 1.22
C LEU B 205 27.71 -23.35 1.11
N GLU B 206 28.17 -22.56 2.09
CA GLU B 206 29.46 -21.87 2.05
C GLU B 206 30.13 -21.90 3.42
N LEU B 207 30.37 -23.10 3.96
CA LEU B 207 30.86 -23.17 5.33
C LEU B 207 32.21 -22.48 5.48
N HIS B 208 33.11 -22.67 4.51
CA HIS B 208 34.43 -22.06 4.64
C HIS B 208 34.33 -20.55 4.56
N GLU B 209 33.60 -20.04 3.55
CA GLU B 209 33.45 -18.60 3.44
C GLU B 209 32.62 -18.03 4.60
N ASN B 210 31.60 -18.76 5.06
CA ASN B 210 30.85 -18.27 6.22
C ASN B 210 31.74 -18.18 7.44
N GLU B 211 32.61 -19.16 7.62
CA GLU B 211 33.53 -19.15 8.74
C GLU B 211 34.51 -17.99 8.63
N LEU B 212 35.15 -17.82 7.46
CA LEU B 212 36.11 -16.73 7.30
C LEU B 212 35.44 -15.38 7.57
N TRP B 213 34.31 -15.13 6.91
CA TRP B 213 33.66 -13.84 7.04
C TRP B 213 33.22 -13.60 8.48
N SER B 214 32.75 -14.65 9.16
CA SER B 214 32.32 -14.50 10.55
C SER B 214 33.48 -14.19 11.48
N LYS B 215 34.68 -14.66 11.15
CA LYS B 215 35.85 -14.35 11.97
C LYS B 215 36.07 -12.84 12.02
N ALA B 216 35.78 -12.15 10.91
CA ALA B 216 35.89 -10.71 10.88
C ALA B 216 34.69 -10.03 11.55
N CYS B 217 33.50 -10.60 11.39
CA CYS B 217 32.29 -10.02 11.94
C CYS B 217 31.19 -11.07 11.94
N PRO B 218 30.57 -11.36 13.08
CA PRO B 218 29.58 -12.43 13.13
C PRO B 218 28.42 -12.11 12.19
N VAL B 219 27.96 -13.14 11.48
CA VAL B 219 26.89 -13.01 10.52
C VAL B 219 25.93 -14.14 10.75
N LEU B 220 24.66 -13.91 10.42
CA LEU B 220 23.60 -14.89 10.53
C LEU B 220 23.07 -15.20 9.13
N THR B 221 23.37 -16.38 8.64
CA THR B 221 22.68 -16.88 7.46
C THR B 221 21.21 -17.13 7.80
N ILE B 222 20.31 -16.66 6.94
CA ILE B 222 18.88 -16.80 7.22
C ILE B 222 18.15 -17.28 5.97
N GLY B 223 18.91 -17.77 4.98
CA GLY B 223 18.36 -18.23 3.72
C GLY B 223 18.34 -19.75 3.61
N PRO B 224 17.97 -20.28 2.43
CA PRO B 224 17.50 -19.57 1.24
C PRO B 224 16.12 -18.98 1.43
N THR B 225 15.79 -17.94 0.65
CA THR B 225 14.49 -17.29 0.68
C THR B 225 13.52 -17.85 -0.35
N ILE B 226 13.78 -19.06 -0.85
CA ILE B 226 12.85 -19.75 -1.75
C ILE B 226 11.58 -20.11 -0.96
N PRO B 227 10.38 -20.02 -1.54
CA PRO B 227 9.16 -20.15 -0.72
C PRO B 227 9.04 -21.50 -0.04
N SER B 228 8.39 -21.47 1.14
CA SER B 228 8.37 -22.61 2.04
C SER B 228 7.81 -23.87 1.39
N ILE B 229 6.86 -23.72 0.47
CA ILE B 229 6.17 -24.89 -0.09
C ILE B 229 7.14 -25.79 -0.84
N TYR B 230 8.22 -25.23 -1.40
CA TYR B 230 9.19 -26.00 -2.16
C TYR B 230 10.27 -26.63 -1.30
N LEU B 231 10.34 -26.28 -0.02
CA LEU B 231 11.41 -26.80 0.81
C LEU B 231 10.87 -27.41 2.10
N ASP B 232 10.96 -26.66 3.21
CA ASP B 232 10.59 -27.19 4.52
C ASP B 232 9.09 -27.41 4.67
N GLN B 233 8.29 -26.63 3.94
CA GLN B 233 6.81 -26.68 3.95
C GLN B 233 6.18 -26.30 5.29
N ARG B 234 6.92 -25.64 6.20
CA ARG B 234 6.29 -25.22 7.45
C ARG B 234 5.33 -24.05 7.28
N ILE B 235 5.42 -23.28 6.19
CA ILE B 235 4.57 -22.11 6.00
C ILE B 235 3.71 -22.36 4.77
N LYS B 236 2.49 -22.87 4.99
CA LYS B 236 1.68 -23.36 3.87
C LYS B 236 1.17 -22.22 2.99
N SER B 237 1.01 -21.01 3.54
CA SER B 237 0.63 -19.84 2.76
C SER B 237 1.75 -19.28 1.87
N ASP B 238 2.97 -19.76 2.03
CA ASP B 238 4.13 -19.23 1.32
C ASP B 238 4.33 -20.05 0.04
N THR B 239 3.56 -19.70 -1.01
CA THR B 239 3.45 -20.52 -2.20
C THR B 239 4.23 -20.01 -3.40
N GLY B 240 4.75 -18.79 -3.35
CA GLY B 240 5.42 -18.24 -4.52
C GLY B 240 5.85 -16.81 -4.26
N TYR B 241 6.55 -16.25 -5.23
CA TYR B 241 6.85 -14.81 -5.21
C TYR B 241 5.57 -14.04 -5.57
N ASP B 242 5.17 -13.09 -4.72
CA ASP B 242 3.92 -12.36 -4.95
C ASP B 242 4.11 -10.85 -5.04
N LEU B 243 5.33 -10.35 -5.07
CA LEU B 243 5.60 -8.95 -5.43
C LEU B 243 6.47 -9.03 -6.68
N ASN B 244 5.88 -8.75 -7.84
CA ASN B 244 6.59 -8.83 -9.09
C ASN B 244 6.56 -7.47 -9.76
N LEU B 245 7.72 -7.03 -10.21
CA LEU B 245 7.88 -5.77 -10.91
C LEU B 245 7.62 -5.91 -12.40
N PHE B 246 7.37 -7.12 -12.88
CA PHE B 246 7.14 -7.36 -14.31
C PHE B 246 5.82 -8.09 -14.45
N GLU B 247 4.98 -7.62 -15.37
CA GLU B 247 3.68 -8.26 -15.56
C GLU B 247 3.87 -9.62 -16.24
N SER B 248 3.22 -10.64 -15.67
CA SER B 248 3.24 -11.99 -16.20
C SER B 248 1.96 -12.21 -17.01
N LYS B 249 2.10 -12.59 -18.27
CA LYS B 249 0.90 -12.75 -19.05
C LYS B 249 0.38 -14.14 -18.75
N ASP B 250 -0.54 -14.21 -17.78
CA ASP B 250 -1.35 -15.38 -17.52
C ASP B 250 -0.52 -16.63 -17.25
N ASP B 251 -0.15 -16.86 -15.98
CA ASP B 251 0.92 -17.79 -15.65
C ASP B 251 0.60 -19.21 -16.09
N SER B 252 -0.68 -19.55 -16.20
CA SER B 252 -1.07 -20.92 -16.50
C SER B 252 -0.58 -21.36 -17.89
N PHE B 253 -0.39 -20.42 -18.82
CA PHE B 253 0.06 -20.79 -20.15
C PHE B 253 1.40 -21.49 -20.11
N CYS B 254 2.38 -20.88 -19.44
CA CYS B 254 3.74 -21.39 -19.49
C CYS B 254 3.85 -22.79 -18.89
N ILE B 255 3.11 -23.06 -17.82
CA ILE B 255 3.26 -24.34 -17.12
C ILE B 255 2.47 -25.45 -17.83
N ASN B 256 1.34 -25.12 -18.45
CA ASN B 256 0.62 -26.13 -19.24
C ASN B 256 1.49 -26.63 -20.38
N TRP B 257 2.20 -25.72 -21.04
CA TRP B 257 3.03 -26.08 -22.19
C TRP B 257 4.24 -26.91 -21.77
N LEU B 258 4.82 -26.63 -20.61
CA LEU B 258 5.99 -27.37 -20.16
C LEU B 258 5.66 -28.82 -19.83
N ASP B 259 4.42 -29.09 -19.41
CA ASP B 259 4.07 -30.44 -19.00
C ASP B 259 3.99 -31.40 -20.17
N THR B 260 3.87 -30.89 -21.39
CA THR B 260 3.78 -31.70 -22.61
C THR B 260 5.15 -32.13 -23.14
N ARG B 261 6.24 -31.69 -22.56
CA ARG B 261 7.52 -32.10 -23.14
C ARG B 261 8.16 -33.21 -22.32
N PRO B 262 9.07 -33.98 -22.93
CA PRO B 262 9.73 -35.08 -22.22
C PRO B 262 10.58 -34.62 -21.05
N GLN B 263 10.72 -35.50 -20.05
CA GLN B 263 11.43 -35.15 -18.82
C GLN B 263 12.89 -34.77 -19.13
N GLY B 264 13.33 -33.65 -18.56
CA GLY B 264 14.72 -33.25 -18.71
C GLY B 264 15.12 -32.83 -20.11
N SER B 265 14.15 -32.49 -20.97
CA SER B 265 14.40 -32.14 -22.36
C SER B 265 14.65 -30.65 -22.60
N VAL B 266 14.03 -29.75 -21.82
CA VAL B 266 13.97 -28.33 -22.17
C VAL B 266 15.12 -27.56 -21.55
N VAL B 267 15.70 -26.65 -22.33
CA VAL B 267 16.77 -25.76 -21.87
C VAL B 267 16.09 -24.46 -21.45
N TYR B 268 16.10 -24.17 -20.15
CA TYR B 268 15.56 -22.90 -19.66
C TYR B 268 16.65 -21.84 -19.71
N VAL B 269 16.32 -20.70 -20.33
CA VAL B 269 17.27 -19.61 -20.53
C VAL B 269 16.64 -18.32 -20.00
N ALA B 270 17.29 -17.69 -19.03
CA ALA B 270 16.74 -16.45 -18.48
C ALA B 270 17.87 -15.63 -17.88
N PHE B 271 17.73 -14.31 -17.99
CA PHE B 271 18.81 -13.42 -17.59
C PHE B 271 18.38 -12.45 -16.50
N GLY B 272 17.40 -12.84 -15.68
CA GLY B 272 17.04 -11.98 -14.57
C GLY B 272 16.25 -10.74 -14.99
N SER B 273 16.25 -9.74 -14.10
CA SER B 273 15.39 -8.56 -14.23
C SER B 273 16.09 -7.34 -14.83
N MET B 274 17.39 -7.37 -15.09
CA MET B 274 18.02 -6.12 -15.53
C MET B 274 19.22 -6.27 -16.44
N ALA B 275 19.87 -7.44 -16.47
CA ALA B 275 21.02 -7.57 -17.34
C ALA B 275 20.57 -7.47 -18.79
N GLN B 276 21.34 -6.74 -19.59
CA GLN B 276 21.01 -6.46 -20.97
C GLN B 276 22.06 -7.07 -21.88
N LEU B 277 21.62 -7.73 -22.93
CA LEU B 277 22.52 -8.33 -23.87
C LEU B 277 22.57 -7.48 -25.12
N THR B 278 23.76 -7.41 -25.72
CA THR B 278 23.97 -6.58 -26.90
C THR B 278 23.36 -7.22 -28.14
N ASN B 279 23.37 -6.45 -29.23
CA ASN B 279 22.94 -6.95 -30.53
C ASN B 279 23.73 -8.18 -30.93
N VAL B 280 25.05 -8.11 -30.82
CA VAL B 280 25.89 -9.26 -31.18
C VAL B 280 25.58 -10.46 -30.30
N GLN B 281 25.57 -10.27 -28.97
CA GLN B 281 25.39 -11.42 -28.08
C GLN B 281 23.99 -12.03 -28.18
N MET B 282 22.98 -11.22 -28.50
CA MET B 282 21.64 -11.80 -28.68
C MET B 282 21.61 -12.74 -29.88
N GLU B 283 22.48 -12.52 -30.86
CA GLU B 283 22.45 -13.34 -32.06
C GLU B 283 23.22 -14.64 -31.86
N GLU B 284 24.37 -14.59 -31.18
CA GLU B 284 25.03 -15.85 -30.81
C GLU B 284 24.12 -16.69 -29.93
N LEU B 285 23.43 -16.04 -28.99
CA LEU B 285 22.58 -16.78 -28.07
C LEU B 285 21.39 -17.37 -28.82
N ALA B 286 20.68 -16.55 -29.61
CA ALA B 286 19.51 -17.07 -30.30
C ALA B 286 19.89 -18.20 -31.24
N SER B 287 21.13 -18.19 -31.71
CA SER B 287 21.58 -19.21 -32.65
C SER B 287 22.00 -20.49 -31.93
N ALA B 288 22.84 -20.35 -30.90
CA ALA B 288 23.28 -21.52 -30.15
C ALA B 288 22.11 -22.16 -29.43
N VAL B 289 21.10 -21.36 -29.09
CA VAL B 289 19.95 -21.86 -28.35
C VAL B 289 19.04 -22.69 -29.24
N SER B 290 18.92 -22.34 -30.51
CA SER B 290 17.89 -22.97 -31.34
C SER B 290 18.24 -24.39 -31.76
N ASN B 291 19.44 -24.87 -31.41
CA ASN B 291 19.76 -26.28 -31.58
C ASN B 291 19.09 -27.16 -30.53
N PHE B 292 18.31 -26.59 -29.62
CA PHE B 292 17.67 -27.36 -28.59
C PHE B 292 16.18 -27.03 -28.52
N SER B 293 15.47 -27.84 -27.75
CA SER B 293 14.19 -27.46 -27.20
C SER B 293 14.45 -26.49 -26.04
N PHE B 294 13.85 -25.29 -26.10
CA PHE B 294 14.25 -24.25 -25.16
C PHE B 294 13.03 -23.46 -24.68
N LEU B 295 13.11 -23.02 -23.42
CA LEU B 295 12.17 -22.06 -22.83
C LEU B 295 12.98 -20.83 -22.43
N TRP B 296 12.74 -19.71 -23.10
CA TRP B 296 13.67 -18.59 -23.12
C TRP B 296 12.92 -17.31 -22.81
N VAL B 297 13.29 -16.67 -21.69
CA VAL B 297 12.73 -15.37 -21.33
C VAL B 297 13.52 -14.27 -22.03
N VAL B 298 12.82 -13.46 -22.82
CA VAL B 298 13.37 -12.29 -23.47
C VAL B 298 12.54 -11.12 -22.94
N ARG B 299 13.13 -10.29 -22.09
CA ARG B 299 12.38 -9.17 -21.52
C ARG B 299 11.94 -8.23 -22.65
N SER B 300 10.79 -7.58 -22.45
CA SER B 300 10.17 -6.83 -23.54
C SER B 300 11.12 -5.79 -24.11
N SER B 301 11.84 -5.08 -23.24
CA SER B 301 12.79 -4.08 -23.68
C SER B 301 13.90 -4.68 -24.53
N GLU B 302 14.17 -5.98 -24.36
CA GLU B 302 15.21 -6.66 -25.10
C GLU B 302 14.76 -7.21 -26.46
N GLU B 303 13.46 -7.17 -26.80
CA GLU B 303 12.99 -7.85 -28.00
C GLU B 303 13.67 -7.31 -29.26
N GLU B 304 13.90 -5.99 -29.29
CA GLU B 304 14.41 -5.34 -30.50
C GLU B 304 15.75 -5.92 -30.93
N LYS B 305 16.52 -6.43 -29.97
CA LYS B 305 17.89 -6.86 -30.20
C LYS B 305 18.01 -8.28 -30.74
N LEU B 306 16.89 -9.01 -30.85
CA LEU B 306 16.92 -10.33 -31.45
C LEU B 306 17.20 -10.22 -32.95
N PRO B 307 17.81 -11.24 -33.56
CA PRO B 307 18.00 -11.21 -35.01
C PRO B 307 16.66 -11.17 -35.72
N SER B 308 16.62 -10.49 -36.86
CA SER B 308 15.35 -10.25 -37.54
C SER B 308 14.69 -11.57 -37.90
N GLY B 309 13.37 -11.64 -37.69
CA GLY B 309 12.64 -12.85 -37.94
C GLY B 309 12.87 -13.97 -36.94
N PHE B 310 13.19 -13.64 -35.68
CA PHE B 310 13.38 -14.72 -34.73
C PHE B 310 12.07 -15.21 -34.13
N LEU B 311 11.13 -14.31 -33.87
CA LEU B 311 9.83 -14.72 -33.34
C LEU B 311 8.87 -15.13 -34.45
N GLU B 312 9.38 -15.26 -35.68
CA GLU B 312 8.75 -16.05 -36.72
C GLU B 312 9.32 -17.45 -36.82
N THR B 313 10.57 -17.65 -36.44
CA THR B 313 11.27 -18.90 -36.69
C THR B 313 11.28 -19.88 -35.50
N VAL B 314 10.82 -19.50 -34.32
CA VAL B 314 10.90 -20.43 -33.21
C VAL B 314 9.88 -21.54 -33.41
N ASN B 315 10.32 -22.78 -33.22
CA ASN B 315 9.50 -23.94 -33.53
C ASN B 315 8.53 -24.15 -32.38
N LYS B 316 7.26 -23.84 -32.61
CA LYS B 316 6.26 -23.88 -31.54
C LYS B 316 6.05 -25.28 -30.96
N GLU B 317 6.52 -26.31 -31.66
CA GLU B 317 6.47 -27.66 -31.12
C GLU B 317 7.42 -27.82 -29.94
N LYS B 318 8.68 -27.41 -30.10
CA LYS B 318 9.74 -27.71 -29.15
C LYS B 318 10.15 -26.56 -28.24
N SER B 319 9.72 -25.33 -28.53
CA SER B 319 10.32 -24.16 -27.91
C SER B 319 9.31 -23.02 -27.76
N LEU B 320 9.59 -22.13 -26.81
CA LEU B 320 8.68 -21.05 -26.46
C LEU B 320 9.49 -19.85 -25.95
N VAL B 321 8.97 -18.65 -26.20
CA VAL B 321 9.66 -17.41 -25.82
C VAL B 321 8.70 -16.55 -25.03
N LEU B 322 9.15 -16.06 -23.88
CA LEU B 322 8.33 -15.34 -22.92
C LEU B 322 8.90 -13.97 -22.62
N LYS B 323 8.00 -13.03 -22.28
CA LYS B 323 8.42 -11.73 -21.73
C LYS B 323 8.91 -11.85 -20.28
N TRP B 324 8.32 -12.76 -19.50
CA TRP B 324 8.63 -12.92 -18.08
C TRP B 324 8.06 -14.25 -17.62
N SER B 325 8.76 -14.91 -16.71
CA SER B 325 8.35 -16.28 -16.42
C SER B 325 8.03 -16.45 -14.95
N PRO B 326 7.29 -17.31 -14.65
CA PRO B 326 7.17 -17.75 -13.24
C PRO B 326 8.31 -18.70 -12.93
N GLN B 327 9.49 -18.10 -12.66
CA GLN B 327 10.73 -18.88 -12.71
C GLN B 327 10.74 -19.98 -11.66
N LEU B 328 10.04 -19.79 -10.54
CA LEU B 328 9.98 -20.81 -9.51
C LEU B 328 9.27 -22.05 -10.02
N GLN B 329 8.12 -21.86 -10.66
CA GLN B 329 7.38 -23.00 -11.17
C GLN B 329 8.11 -23.67 -12.32
N VAL B 330 8.73 -22.88 -13.20
CA VAL B 330 9.49 -23.44 -14.31
C VAL B 330 10.61 -24.33 -13.79
N LEU B 331 11.39 -23.81 -12.83
CA LEU B 331 12.56 -24.55 -12.36
C LEU B 331 12.18 -25.81 -11.58
N SER B 332 10.97 -25.86 -11.02
CA SER B 332 10.48 -27.04 -10.32
C SER B 332 9.95 -28.11 -11.26
N ASN B 333 9.61 -27.72 -12.48
CA ASN B 333 8.95 -28.61 -13.44
C ASN B 333 9.95 -29.62 -14.01
N LYS B 334 9.43 -30.80 -14.36
CA LYS B 334 10.28 -31.94 -14.70
C LYS B 334 10.88 -31.83 -16.10
N ALA B 335 10.35 -30.93 -16.93
CA ALA B 335 10.75 -30.80 -18.33
C ALA B 335 12.06 -30.05 -18.51
N ILE B 336 12.57 -29.42 -17.47
CA ILE B 336 13.78 -28.60 -17.59
C ILE B 336 15.00 -29.51 -17.46
N GLY B 337 15.82 -29.55 -18.51
CA GLY B 337 17.08 -30.27 -18.47
C GLY B 337 18.22 -29.47 -17.84
N CYS B 338 18.24 -28.17 -18.10
CA CYS B 338 19.27 -27.32 -17.49
C CYS B 338 18.81 -25.87 -17.59
N PHE B 339 19.55 -25.00 -16.89
CA PHE B 339 19.25 -23.58 -16.76
C PHE B 339 20.45 -22.81 -17.28
N LEU B 340 20.30 -22.15 -18.42
CA LEU B 340 21.29 -21.18 -18.89
C LEU B 340 20.96 -19.86 -18.22
N THR B 341 21.86 -19.37 -17.38
CA THR B 341 21.55 -18.33 -16.42
C THR B 341 22.63 -17.27 -16.45
N HIS B 342 22.24 -16.04 -16.07
CA HIS B 342 23.26 -15.02 -15.84
C HIS B 342 23.90 -15.15 -14.47
N CYS B 343 23.50 -16.14 -13.68
CA CYS B 343 24.05 -16.38 -12.35
C CYS B 343 23.76 -15.23 -11.38
N GLY B 344 22.59 -14.60 -11.51
CA GLY B 344 22.07 -13.83 -10.40
C GLY B 344 21.87 -14.71 -9.18
N TRP B 345 22.04 -14.12 -8.00
CA TRP B 345 22.09 -14.97 -6.80
C TRP B 345 20.74 -15.62 -6.51
N ASN B 346 19.63 -14.92 -6.73
CA ASN B 346 18.35 -15.62 -6.55
C ASN B 346 18.16 -16.71 -7.60
N SER B 347 18.54 -16.44 -8.85
CA SER B 347 18.46 -17.49 -9.85
C SER B 347 19.36 -18.67 -9.48
N THR B 348 20.56 -18.37 -8.97
CA THR B 348 21.50 -19.46 -8.69
C THR B 348 20.99 -20.33 -7.55
N MET B 349 20.57 -19.71 -6.44
CA MET B 349 20.05 -20.50 -5.33
C MET B 349 18.77 -21.21 -5.71
N GLU B 350 17.94 -20.59 -6.54
CA GLU B 350 16.75 -21.31 -7.00
C GLU B 350 17.15 -22.54 -7.79
N ALA B 351 18.17 -22.42 -8.64
CA ALA B 351 18.62 -23.58 -9.40
C ALA B 351 19.24 -24.64 -8.49
N LEU B 352 20.06 -24.23 -7.52
CA LEU B 352 20.70 -25.19 -6.64
C LEU B 352 19.68 -25.98 -5.82
N THR B 353 18.64 -25.31 -5.29
CA THR B 353 17.70 -26.04 -4.44
C THR B 353 16.73 -26.89 -5.24
N PHE B 354 16.44 -26.51 -6.48
CA PHE B 354 15.61 -27.34 -7.34
C PHE B 354 16.41 -28.41 -8.07
N GLY B 355 17.73 -28.43 -7.90
CA GLY B 355 18.52 -29.48 -8.50
C GLY B 355 18.70 -29.39 -10.00
N VAL B 356 18.63 -28.19 -10.56
CA VAL B 356 18.74 -28.01 -12.00
C VAL B 356 20.19 -27.65 -12.33
N PRO B 357 20.89 -28.45 -13.13
CA PRO B 357 22.27 -28.09 -13.49
C PRO B 357 22.27 -26.84 -14.36
N MET B 358 23.36 -26.09 -14.31
CA MET B 358 23.38 -24.78 -14.93
C MET B 358 24.39 -24.65 -16.06
N VAL B 359 24.04 -23.85 -17.05
CA VAL B 359 25.00 -23.30 -18.00
C VAL B 359 25.18 -21.85 -17.59
N ALA B 360 26.32 -21.57 -16.93
CA ALA B 360 26.54 -20.24 -16.36
C ALA B 360 27.05 -19.29 -17.41
N MET B 361 26.36 -18.16 -17.57
CA MET B 361 26.75 -17.12 -18.50
C MET B 361 26.72 -15.78 -17.77
N PRO B 362 27.66 -15.58 -16.85
CA PRO B 362 27.64 -14.35 -16.04
C PRO B 362 27.87 -13.11 -16.88
N GLN B 363 27.23 -12.00 -16.48
CA GLN B 363 27.38 -10.75 -17.22
C GLN B 363 28.18 -9.71 -16.48
N TRP B 364 27.89 -9.49 -15.19
CA TRP B 364 28.55 -8.41 -14.45
C TRP B 364 28.23 -8.59 -12.97
N THR B 365 28.71 -7.63 -12.18
CA THR B 365 28.58 -7.57 -10.71
C THR B 365 29.02 -8.92 -10.12
N ASP B 366 28.26 -9.53 -9.19
CA ASP B 366 28.72 -10.75 -8.52
C ASP B 366 28.63 -12.00 -9.41
N GLN B 367 27.97 -11.90 -10.57
CA GLN B 367 27.71 -13.10 -11.37
C GLN B 367 28.98 -13.89 -11.76
N PRO B 368 30.08 -13.29 -12.21
CA PRO B 368 31.26 -14.15 -12.49
C PRO B 368 31.72 -14.92 -11.28
N MET B 369 31.57 -14.33 -10.09
CA MET B 369 31.92 -15.04 -8.87
C MET B 369 30.97 -16.21 -8.61
N ASN B 370 29.67 -16.00 -8.79
CA ASN B 370 28.75 -17.12 -8.62
C ASN B 370 29.02 -18.19 -9.65
N ALA B 371 29.42 -17.78 -10.85
CA ALA B 371 29.70 -18.75 -11.91
C ALA B 371 30.90 -19.62 -11.53
N LYS B 372 31.97 -19.01 -11.01
CA LYS B 372 33.13 -19.80 -10.59
C LYS B 372 32.74 -20.77 -9.49
N TYR B 373 31.81 -20.38 -8.60
CA TYR B 373 31.35 -21.28 -7.55
C TYR B 373 30.44 -22.37 -8.11
N ILE B 374 29.64 -22.06 -9.12
CA ILE B 374 28.74 -23.07 -9.69
C ILE B 374 29.54 -24.18 -10.36
N GLN B 375 30.67 -23.84 -10.96
CA GLN B 375 31.45 -24.80 -11.73
C GLN B 375 32.44 -25.57 -10.87
N ASP B 376 33.28 -24.86 -10.13
CA ASP B 376 34.46 -25.43 -9.50
C ASP B 376 34.29 -25.66 -8.00
N VAL B 377 33.20 -25.20 -7.38
CA VAL B 377 33.02 -25.37 -5.94
C VAL B 377 31.79 -26.22 -5.65
N TRP B 378 30.60 -25.72 -6.02
CA TRP B 378 29.40 -26.55 -5.91
C TRP B 378 29.34 -27.62 -6.99
N LYS B 379 30.05 -27.44 -8.09
CA LYS B 379 30.10 -28.39 -9.21
C LYS B 379 28.68 -28.75 -9.70
N ALA B 380 27.87 -27.73 -9.95
CA ALA B 380 26.51 -27.92 -10.44
C ALA B 380 26.30 -27.38 -11.86
N GLY B 381 27.36 -27.01 -12.59
CA GLY B 381 27.19 -26.57 -13.97
C GLY B 381 28.52 -26.14 -14.57
N VAL B 382 28.47 -25.74 -15.85
CA VAL B 382 29.68 -25.32 -16.57
C VAL B 382 29.54 -23.85 -16.99
N ARG B 383 30.59 -23.09 -16.76
CA ARG B 383 30.69 -21.73 -17.26
C ARG B 383 31.08 -21.75 -18.74
N VAL B 384 30.39 -20.94 -19.54
CA VAL B 384 30.77 -20.76 -20.94
C VAL B 384 32.05 -19.95 -21.02
N LYS B 385 32.93 -20.29 -21.96
CA LYS B 385 34.12 -19.48 -22.17
C LYS B 385 33.78 -18.30 -23.08
N THR B 386 34.37 -17.14 -22.77
CA THR B 386 34.27 -15.95 -23.62
C THR B 386 35.60 -15.66 -24.27
N GLU B 387 35.57 -14.91 -25.37
CA GLU B 387 36.79 -14.64 -26.11
C GLU B 387 37.63 -13.58 -25.41
N LYS B 388 38.94 -13.82 -25.37
CA LYS B 388 39.85 -12.95 -24.62
C LYS B 388 39.87 -11.51 -25.14
N GLU B 389 39.77 -11.35 -26.47
CA GLU B 389 39.79 -10.02 -27.06
C GLU B 389 38.41 -9.43 -27.28
N SER B 390 37.40 -10.26 -27.61
CA SER B 390 36.04 -9.74 -27.79
C SER B 390 35.34 -9.50 -26.46
N GLY B 391 35.49 -10.44 -25.54
CA GLY B 391 34.66 -10.50 -24.36
C GLY B 391 33.33 -11.19 -24.56
N ILE B 392 33.01 -11.62 -25.77
CA ILE B 392 31.72 -12.23 -26.08
C ILE B 392 31.91 -13.73 -26.27
N ALA B 393 30.91 -14.50 -25.83
CA ALA B 393 30.91 -15.94 -26.00
C ALA B 393 30.09 -16.30 -27.24
N LYS B 394 30.74 -16.99 -28.17
CA LYS B 394 30.14 -17.33 -29.47
C LYS B 394 29.33 -18.63 -29.35
N ARG B 395 28.53 -18.89 -30.39
CA ARG B 395 27.59 -20.03 -30.36
C ARG B 395 28.30 -21.37 -30.22
N GLU B 396 29.53 -21.50 -30.73
CA GLU B 396 30.23 -22.78 -30.67
C GLU B 396 30.64 -23.16 -29.25
N GLU B 397 30.92 -22.19 -28.39
CA GLU B 397 31.21 -22.52 -27.01
C GLU B 397 29.98 -22.49 -26.12
N ILE B 398 28.89 -21.83 -26.55
CA ILE B 398 27.61 -21.90 -25.84
C ILE B 398 26.94 -23.25 -26.09
N GLU B 399 26.90 -23.68 -27.36
CA GLU B 399 26.25 -24.96 -27.66
C GLU B 399 27.00 -26.12 -27.01
N PHE B 400 28.33 -26.03 -26.95
CA PHE B 400 29.11 -27.06 -26.26
C PHE B 400 28.86 -27.05 -24.76
N SER B 401 28.76 -25.85 -24.16
CA SER B 401 28.50 -25.79 -22.73
C SER B 401 27.14 -26.41 -22.38
N ILE B 402 26.13 -26.15 -23.21
CA ILE B 402 24.79 -26.70 -22.96
C ILE B 402 24.82 -28.22 -23.07
N LYS B 403 25.38 -28.72 -24.18
CA LYS B 403 25.42 -30.16 -24.38
C LYS B 403 26.25 -30.83 -23.28
N GLU B 404 27.30 -30.14 -22.83
CA GLU B 404 28.14 -30.65 -21.76
C GLU B 404 27.33 -30.89 -20.49
N VAL B 405 26.25 -30.15 -20.31
CA VAL B 405 25.37 -30.26 -19.15
C VAL B 405 24.15 -31.12 -19.45
N MET B 406 23.70 -31.12 -20.71
CA MET B 406 22.50 -31.89 -21.04
C MET B 406 22.76 -33.40 -21.01
N GLU B 407 23.93 -33.84 -21.46
CA GLU B 407 24.19 -35.27 -21.58
C GLU B 407 25.70 -35.51 -21.60
N GLY B 408 26.11 -36.70 -21.19
CA GLY B 408 27.51 -37.09 -21.17
C GLY B 408 27.98 -37.48 -19.79
N GLU B 409 29.29 -37.76 -19.71
CA GLU B 409 29.88 -38.24 -18.46
C GLU B 409 29.98 -37.12 -17.42
N ARG B 410 30.44 -35.94 -17.85
CA ARG B 410 30.44 -34.80 -16.95
C ARG B 410 29.03 -34.42 -16.55
N SER B 411 28.07 -34.70 -17.42
CA SER B 411 26.70 -34.30 -17.17
C SER B 411 26.09 -35.09 -16.02
N LYS B 412 26.19 -36.42 -16.07
CA LYS B 412 25.58 -37.23 -15.02
C LYS B 412 26.34 -37.14 -13.69
N GLU B 413 27.59 -36.66 -13.71
CA GLU B 413 28.32 -36.42 -12.46
C GLU B 413 27.71 -35.27 -11.67
N MET B 414 27.44 -34.15 -12.35
CA MET B 414 27.07 -32.92 -11.67
C MET B 414 25.56 -32.71 -11.58
N LYS B 415 24.75 -33.43 -12.35
CA LYS B 415 23.31 -33.17 -12.31
C LYS B 415 22.61 -33.83 -11.13
N LYS B 416 23.25 -34.79 -10.44
CA LYS B 416 22.69 -35.31 -9.19
C LYS B 416 23.58 -35.06 -7.98
N ASN B 417 24.75 -34.44 -8.13
CA ASN B 417 25.35 -33.69 -7.02
C ASN B 417 24.32 -32.73 -6.47
N VAL B 418 23.67 -32.02 -7.38
CA VAL B 418 22.91 -30.82 -7.12
C VAL B 418 21.70 -31.06 -6.22
N LYS B 419 21.27 -32.32 -6.07
CA LYS B 419 20.21 -32.64 -5.12
C LYS B 419 20.69 -32.70 -3.68
N LYS B 420 21.98 -32.88 -3.43
CA LYS B 420 22.42 -32.81 -2.03
C LYS B 420 22.10 -31.44 -1.43
N TRP B 421 22.00 -30.41 -2.27
CA TRP B 421 21.75 -29.06 -1.78
C TRP B 421 20.31 -28.83 -1.35
N ARG B 422 19.32 -29.44 -2.03
CA ARG B 422 17.94 -29.26 -1.60
C ARG B 422 17.74 -29.75 -0.17
N ASP B 423 18.18 -30.97 0.13
CA ASP B 423 18.00 -31.50 1.49
C ASP B 423 18.81 -30.73 2.53
N LEU B 424 19.98 -30.21 2.13
CA LEU B 424 20.75 -29.40 3.06
C LEU B 424 20.00 -28.12 3.38
N ALA B 425 19.31 -27.55 2.39
CA ALA B 425 18.48 -26.37 2.63
C ALA B 425 17.22 -26.73 3.41
N VAL B 426 16.62 -27.88 3.13
CA VAL B 426 15.41 -28.26 3.86
C VAL B 426 15.71 -28.45 5.34
N LYS B 427 16.84 -29.10 5.65
CA LYS B 427 17.22 -29.28 7.04
C LYS B 427 17.57 -27.95 7.70
N SER B 428 18.21 -27.04 6.95
CA SER B 428 18.56 -25.76 7.56
C SER B 428 17.34 -24.92 7.89
N LEU B 429 16.26 -25.05 7.10
CA LEU B 429 15.02 -24.33 7.37
C LEU B 429 14.14 -25.02 8.41
N ASN B 430 14.28 -26.34 8.56
CA ASN B 430 13.46 -27.10 9.51
C ASN B 430 13.93 -26.82 10.94
N GLU B 431 13.11 -27.25 11.90
CA GLU B 431 13.46 -27.01 13.30
C GLU B 431 14.83 -27.57 13.60
N GLY B 432 15.64 -26.80 14.31
CA GLY B 432 17.00 -27.20 14.62
C GLY B 432 18.04 -26.95 13.54
N GLY B 433 17.65 -26.43 12.37
CA GLY B 433 18.61 -26.13 11.33
C GLY B 433 19.39 -24.84 11.60
N SER B 434 20.48 -24.64 10.84
CA SER B 434 21.28 -23.44 11.10
C SER B 434 20.49 -22.18 10.78
N THR B 435 19.79 -22.14 9.65
CA THR B 435 19.03 -20.95 9.32
C THR B 435 17.86 -20.73 10.29
N ASP B 436 17.21 -21.82 10.71
CA ASP B 436 16.06 -21.65 11.60
C ASP B 436 16.50 -21.11 12.95
N THR B 437 17.62 -21.63 13.48
CA THR B 437 18.14 -21.13 14.73
C THR B 437 18.56 -19.66 14.63
N ASN B 438 19.16 -19.28 13.50
CA ASN B 438 19.62 -17.90 13.33
C ASN B 438 18.44 -16.93 13.21
N ILE B 439 17.39 -17.31 12.49
CA ILE B 439 16.21 -16.46 12.46
C ILE B 439 15.62 -16.33 13.85
N ASP B 440 15.59 -17.43 14.60
CA ASP B 440 15.00 -17.38 15.95
C ASP B 440 15.83 -16.47 16.86
N THR B 441 17.15 -16.49 16.65
CA THR B 441 18.04 -15.58 17.37
C THR B 441 17.67 -14.12 17.08
N PHE B 442 17.51 -13.80 15.80
CA PHE B 442 17.11 -12.46 15.42
C PHE B 442 15.75 -12.11 15.99
N VAL B 443 14.77 -13.02 15.87
CA VAL B 443 13.44 -12.70 16.36
C VAL B 443 13.46 -12.46 17.87
N SER B 444 14.27 -13.22 18.60
CA SER B 444 14.32 -13.05 20.06
C SER B 444 14.87 -11.69 20.42
N ARG B 445 15.91 -11.23 19.71
CA ARG B 445 16.41 -9.90 20.04
C ARG B 445 15.42 -8.82 19.63
N VAL B 446 14.83 -8.94 18.43
CA VAL B 446 13.85 -7.91 18.02
C VAL B 446 12.68 -7.86 18.98
N GLN B 447 12.24 -9.00 19.48
CA GLN B 447 11.13 -8.87 20.41
C GLN B 447 11.62 -8.57 21.83
N SER B 448 12.91 -8.24 21.92
CA SER B 448 13.62 -7.65 23.07
C SER B 448 14.10 -8.74 23.99
#